data_6XIZ
#
_entry.id   6XIZ
#
_cell.length_a   56.060
_cell.length_b   147.300
_cell.length_c   65.460
_cell.angle_alpha   90.00
_cell.angle_beta   98.55
_cell.angle_gamma   90.00
#
_symmetry.space_group_name_H-M   'P 1 21 1'
#
loop_
_entity.id
_entity.type
_entity.pdbx_description
1 polymer 'Copper oxidase'
2 non-polymer 'COPPER (II) ION'
3 non-polymer 'CU-O-CU LINKAGE'
4 non-polymer 'CHLORIDE ION'
5 non-polymer BENZAMIDINE
6 water water
#
_entity_poly.entity_id   1
_entity_poly.type   'polypeptide(L)'
_entity_poly.pdbx_seq_one_letter_code
;SMITKYLYDENAYDYHDGGYRPLKKAPGEEHPLNVPAFLKPDRIEGNEIYYTVTAQAGETKILPGKPTHTWGYNGSILGP
AIQFETGKTYHVTLKNELDEVTTFHWHGLNIVGPYEDGGPHAPVYPHGERKITFTVDQPAANIWLHPHPCPETARQVWNG
LAAPVIITDGHEQSLKLPRRWGVNDFPVVLQDRSYHDNQLDYKADYDVDGTLGDYALVNGTVNPVVNVTKPIVRLRFLNG
SNRREWRLHFADYHPFTQIGSDGGLLPEAVKMDRIMLTCAERADVLVNFSDYQPGQEVILQTDDFDLIKFKIGDIKKENM
LLPSPLAEIPALSVDENTPVFKTVMSGMDDQVRLDGKLFDMQRIDTRQQVDQTQIWEVSNTNDMEGGMIHPFHIHGCQFQ
LIDRNGHAVNPNEHGWKDTIGVNPNETVRIKVKFTKLGIFMYHCHILEHEDTGMMAQIEIFDPDHPIEYHLMPMNHK
;
_entity_poly.pdbx_strand_id   A,B
#
# COMPACT_ATOMS: atom_id res chain seq x y z
N SER A 1 12.61 -13.31 -15.55
CA SER A 1 13.25 -12.11 -14.93
C SER A 1 12.49 -10.80 -15.31
N MET A 2 11.17 -10.82 -15.21
CA MET A 2 10.37 -9.58 -15.12
C MET A 2 10.63 -8.87 -13.76
N ILE A 3 10.63 -7.56 -13.71
CA ILE A 3 10.77 -6.90 -12.40
C ILE A 3 9.41 -6.93 -11.68
N THR A 4 9.48 -7.36 -10.40
CA THR A 4 8.30 -7.48 -9.57
C THR A 4 8.43 -6.81 -8.23
N LYS A 5 9.17 -5.68 -8.17
CA LYS A 5 9.27 -4.90 -6.97
C LYS A 5 9.37 -3.41 -7.30
N TYR A 6 8.95 -2.51 -6.41
CA TYR A 6 9.25 -1.15 -6.61
C TYR A 6 10.73 -0.96 -6.33
N LEU A 7 11.33 -0.02 -7.00
CA LEU A 7 12.82 0.09 -6.97
C LEU A 7 13.43 1.09 -6.02
N TYR A 8 12.70 1.51 -5.04
CA TYR A 8 13.13 2.40 -4.01
C TYR A 8 12.88 1.68 -2.65
N ASP A 9 13.37 2.23 -1.56
CA ASP A 9 13.36 1.58 -0.22
C ASP A 9 12.06 1.87 0.54
N GLU A 10 11.33 0.79 0.77
CA GLU A 10 10.03 0.87 1.41
C GLU A 10 10.03 1.47 2.76
N ASN A 11 11.15 1.33 3.49
CA ASN A 11 11.16 1.99 4.80
C ASN A 11 10.98 3.49 4.73
N ALA A 12 11.20 4.06 3.54
CA ALA A 12 11.21 5.48 3.36
C ALA A 12 10.12 6.12 2.46
N TYR A 13 9.14 5.34 2.01
CA TYR A 13 8.12 5.79 1.20
C TYR A 13 7.35 6.86 1.90
N ASP A 14 6.70 7.62 1.07
CA ASP A 14 5.90 8.80 1.57
C ASP A 14 4.95 8.52 2.66
N TYR A 15 4.33 7.33 2.57
CA TYR A 15 3.33 6.97 3.56
C TYR A 15 3.82 6.70 4.98
N HIS A 16 5.13 6.80 5.24
CA HIS A 16 5.75 6.77 6.54
C HIS A 16 5.68 8.09 7.16
N ASP A 17 5.42 9.14 6.38
CA ASP A 17 5.39 10.48 7.00
C ASP A 17 4.16 10.69 7.89
N GLY A 18 4.38 11.28 9.06
CA GLY A 18 3.28 11.57 9.97
C GLY A 18 2.18 12.42 9.39
N GLY A 19 2.45 13.33 8.45
CA GLY A 19 1.38 14.07 7.81
C GLY A 19 0.79 13.40 6.57
N TYR A 20 1.19 12.18 6.24
CA TYR A 20 0.73 11.61 4.94
C TYR A 20 -0.80 11.42 4.90
N ARG A 21 -1.42 11.57 3.74
N ARG A 21 -1.37 11.62 3.70
CA ARG A 21 -2.84 11.34 3.58
CA ARG A 21 -2.79 11.50 3.32
C ARG A 21 -2.96 10.55 2.26
C ARG A 21 -2.83 10.48 2.17
N PRO A 22 -3.60 9.40 2.32
CA PRO A 22 -3.74 8.56 1.12
C PRO A 22 -4.76 9.16 0.11
N LEU A 23 -4.74 8.76 -1.13
CA LEU A 23 -5.69 9.28 -2.11
C LEU A 23 -7.14 8.72 -1.82
N LYS A 24 -8.13 9.57 -2.06
CA LYS A 24 -9.57 9.34 -1.95
C LYS A 24 -10.29 9.55 -3.27
N LYS A 25 -11.43 8.87 -3.42
CA LYS A 25 -12.25 8.90 -4.62
C LYS A 25 -12.78 10.33 -4.85
N ALA A 26 -12.58 10.83 -6.06
CA ALA A 26 -13.04 12.22 -6.33
C ALA A 26 -14.56 12.16 -6.67
N PRO A 27 -15.34 13.17 -6.27
CA PRO A 27 -16.75 13.22 -6.64
C PRO A 27 -17.01 13.35 -8.14
N GLY A 28 -18.20 12.89 -8.52
CA GLY A 28 -18.72 13.00 -9.91
C GLY A 28 -18.56 11.73 -10.67
N GLU A 29 -18.81 11.82 -11.97
CA GLU A 29 -18.94 10.66 -12.84
C GLU A 29 -17.52 10.45 -13.33
N GLU A 30 -17.32 9.31 -14.01
CA GLU A 30 -16.22 9.11 -14.83
C GLU A 30 -16.19 10.08 -16.02
N HIS A 31 -14.98 10.51 -16.49
CA HIS A 31 -14.78 11.36 -17.67
C HIS A 31 -13.74 10.75 -18.53
N PRO A 32 -13.84 10.88 -19.86
CA PRO A 32 -12.73 10.47 -20.74
C PRO A 32 -11.41 11.28 -20.35
N LEU A 33 -10.32 10.59 -20.35
CA LEU A 33 -8.98 11.27 -20.06
C LEU A 33 -8.69 12.41 -21.01
N ASN A 34 -8.52 13.63 -20.51
CA ASN A 34 -8.12 14.77 -21.37
C ASN A 34 -6.80 14.46 -22.05
N VAL A 35 -6.70 14.76 -23.32
CA VAL A 35 -5.49 14.60 -24.06
C VAL A 35 -5.21 15.89 -24.76
N PRO A 36 -4.12 16.53 -24.43
CA PRO A 36 -3.90 17.83 -24.97
C PRO A 36 -3.50 17.76 -26.45
N ALA A 37 -4.03 18.66 -27.27
CA ALA A 37 -3.60 18.81 -28.66
C ALA A 37 -2.16 19.36 -28.74
N PHE A 38 -1.46 18.95 -29.77
CA PHE A 38 -0.13 19.53 -30.05
C PHE A 38 -0.21 20.97 -30.43
N LEU A 39 0.78 21.73 -29.98
CA LEU A 39 0.90 23.13 -30.20
C LEU A 39 1.30 23.29 -31.65
N LYS A 40 0.52 24.07 -32.34
CA LYS A 40 0.83 24.37 -33.77
C LYS A 40 1.91 25.44 -33.88
N PRO A 41 2.87 25.26 -34.73
CA PRO A 41 3.82 26.32 -34.98
C PRO A 41 3.22 27.55 -35.48
N ASP A 42 3.72 28.71 -35.07
CA ASP A 42 3.38 29.93 -35.73
C ASP A 42 3.89 30.05 -37.18
N ARG A 43 5.10 29.56 -37.48
CA ARG A 43 5.77 29.82 -38.77
C ARG A 43 6.82 28.74 -38.83
N ILE A 44 7.15 28.32 -40.04
CA ILE A 44 8.28 27.42 -40.25
C ILE A 44 9.14 27.99 -41.37
N GLU A 45 10.40 28.35 -41.10
CA GLU A 45 11.35 28.85 -42.16
C GLU A 45 12.60 28.03 -42.15
N GLY A 46 12.79 27.09 -43.09
CA GLY A 46 13.98 26.20 -43.08
C GLY A 46 13.93 25.20 -41.92
N ASN A 47 15.02 25.06 -41.17
CA ASN A 47 14.99 24.20 -39.97
C ASN A 47 14.64 24.94 -38.77
N GLU A 48 13.95 26.06 -38.92
CA GLU A 48 13.59 27.02 -37.87
C GLU A 48 12.06 27.06 -37.60
N ILE A 49 11.64 26.71 -36.39
CA ILE A 49 10.23 26.58 -36.06
C ILE A 49 9.95 27.62 -35.04
N TYR A 50 8.84 28.29 -35.23
CA TYR A 50 8.39 29.40 -34.32
C TYR A 50 7.23 28.88 -33.50
N TYR A 51 7.30 29.03 -32.15
CA TYR A 51 6.20 28.70 -31.26
C TYR A 51 5.92 29.88 -30.37
N THR A 52 4.68 29.93 -29.88
CA THR A 52 4.30 30.83 -28.83
C THR A 52 3.53 30.04 -27.72
N VAL A 53 3.95 30.35 -26.51
CA VAL A 53 3.45 29.75 -25.27
C VAL A 53 3.16 30.89 -24.30
N THR A 54 1.94 30.91 -23.82
CA THR A 54 1.39 31.95 -22.97
C THR A 54 0.90 31.36 -21.63
N ALA A 55 1.50 31.75 -20.55
CA ALA A 55 0.93 31.43 -19.24
C ALA A 55 -0.30 32.26 -18.99
N GLN A 56 -1.42 31.68 -18.65
CA GLN A 56 -2.72 32.45 -18.45
C GLN A 56 -3.71 31.86 -17.41
N ALA A 57 -4.64 32.68 -16.91
CA ALA A 57 -5.63 32.21 -15.96
C ALA A 57 -6.87 31.79 -16.75
N GLY A 58 -7.62 30.85 -16.24
CA GLY A 58 -8.95 30.49 -16.80
C GLY A 58 -9.78 29.66 -15.82
N GLU A 59 -10.76 28.89 -16.35
CA GLU A 59 -11.67 28.14 -15.50
C GLU A 59 -11.74 26.80 -16.11
N THR A 60 -11.68 25.75 -15.30
CA THR A 60 -11.66 24.39 -15.87
C THR A 60 -12.69 23.59 -15.09
N LYS A 61 -13.54 22.88 -15.82
CA LYS A 61 -14.55 22.07 -15.17
C LYS A 61 -13.82 20.80 -14.74
N ILE A 62 -13.74 20.61 -13.42
CA ILE A 62 -13.03 19.43 -12.87
C ILE A 62 -13.96 18.53 -12.05
N LEU A 63 -14.61 19.13 -11.08
CA LEU A 63 -15.54 18.47 -10.18
C LEU A 63 -16.96 18.95 -10.42
N PRO A 64 -18.00 18.23 -9.94
CA PRO A 64 -19.40 18.64 -10.13
C PRO A 64 -19.59 19.97 -9.49
N GLY A 65 -20.35 20.84 -10.14
CA GLY A 65 -20.61 22.19 -9.63
C GLY A 65 -19.80 23.26 -10.35
N LYS A 66 -19.39 24.28 -9.60
CA LYS A 66 -18.58 25.43 -10.13
C LYS A 66 -17.29 24.99 -10.77
N PRO A 67 -16.87 25.70 -11.78
CA PRO A 67 -15.61 25.37 -12.36
C PRO A 67 -14.48 25.78 -11.39
N THR A 68 -13.31 25.21 -11.65
CA THR A 68 -12.10 25.56 -10.79
C THR A 68 -11.25 26.66 -11.47
N HIS A 69 -11.00 27.80 -10.80
CA HIS A 69 -10.03 28.79 -11.33
C HIS A 69 -8.62 28.15 -11.35
N THR A 70 -7.99 28.14 -12.50
CA THR A 70 -6.72 27.48 -12.75
C THR A 70 -5.83 28.31 -13.60
N TRP A 71 -4.58 27.86 -13.69
CA TRP A 71 -3.61 28.46 -14.64
C TRP A 71 -3.19 27.40 -15.63
N GLY A 72 -2.96 27.82 -16.88
CA GLY A 72 -2.45 26.91 -17.89
C GLY A 72 -1.60 27.61 -18.90
N TYR A 73 -0.92 26.85 -19.77
CA TYR A 73 -0.20 27.38 -20.91
C TYR A 73 -1.17 27.26 -22.09
N ASN A 74 -1.46 28.40 -22.75
CA ASN A 74 -2.33 28.43 -23.94
C ASN A 74 -3.69 27.77 -23.67
N GLY A 75 -4.22 27.90 -22.48
CA GLY A 75 -5.49 27.26 -22.14
C GLY A 75 -5.56 27.38 -20.64
N SER A 76 -6.65 26.86 -20.07
CA SER A 76 -6.99 27.16 -18.67
C SER A 76 -6.20 26.34 -17.61
N ILE A 77 -5.70 25.17 -17.99
CA ILE A 77 -4.95 24.27 -17.08
C ILE A 77 -3.97 23.46 -17.90
N LEU A 78 -2.86 23.06 -17.30
CA LEU A 78 -1.78 22.29 -17.98
C LEU A 78 -1.26 23.05 -19.21
N GLY A 79 -1.20 22.41 -20.36
CA GLY A 79 -0.71 23.00 -21.54
C GLY A 79 -0.83 22.06 -22.72
N PRO A 80 -0.55 22.56 -23.93
CA PRO A 80 -0.59 21.75 -25.07
C PRO A 80 0.60 20.81 -25.02
N ALA A 81 0.57 19.78 -25.83
CA ALA A 81 1.72 18.95 -26.02
C ALA A 81 2.65 19.73 -26.99
N ILE A 82 3.94 19.83 -26.67
CA ILE A 82 4.86 20.59 -27.46
C ILE A 82 5.87 19.68 -28.06
N GLN A 83 5.93 19.63 -29.41
CA GLN A 83 6.88 18.75 -30.08
C GLN A 83 8.19 19.45 -30.54
N PHE A 84 9.30 18.85 -30.16
CA PHE A 84 10.65 19.30 -30.59
C PHE A 84 11.29 18.12 -31.33
N GLU A 85 12.20 18.44 -32.19
CA GLU A 85 12.86 17.42 -32.96
C GLU A 85 14.38 17.70 -32.91
N THR A 86 15.16 16.64 -32.69
CA THR A 86 16.58 16.74 -32.66
C THR A 86 17.12 17.40 -33.94
N GLY A 87 18.04 18.32 -33.82
CA GLY A 87 18.61 19.02 -35.00
C GLY A 87 17.89 20.30 -35.43
N LYS A 88 16.67 20.57 -34.99
CA LYS A 88 15.93 21.75 -35.46
C LYS A 88 16.19 22.86 -34.51
N THR A 89 15.94 24.07 -34.97
CA THR A 89 16.12 25.25 -34.17
C THR A 89 14.76 25.82 -33.91
N TYR A 90 14.51 26.25 -32.67
CA TYR A 90 13.22 26.77 -32.19
C TYR A 90 13.38 28.14 -31.75
N HIS A 91 12.39 28.99 -32.02
CA HIS A 91 12.31 30.41 -31.59
C HIS A 91 11.03 30.41 -30.89
N VAL A 92 11.03 30.60 -29.58
CA VAL A 92 9.85 30.45 -28.82
C VAL A 92 9.66 31.75 -28.11
N THR A 93 8.47 32.30 -28.30
CA THR A 93 8.03 33.46 -27.62
C THR A 93 7.30 33.02 -26.33
N LEU A 94 7.77 33.50 -25.17
CA LEU A 94 7.23 33.18 -23.85
C LEU A 94 6.48 34.36 -23.29
N LYS A 95 5.13 34.27 -23.19
CA LYS A 95 4.31 35.40 -22.75
C LYS A 95 3.73 35.06 -21.40
N ASN A 96 3.76 36.03 -20.51
CA ASN A 96 3.17 35.91 -19.21
C ASN A 96 1.91 36.68 -19.05
N GLU A 97 0.79 35.98 -19.11
CA GLU A 97 -0.47 36.75 -19.00
C GLU A 97 -1.10 36.69 -17.61
N LEU A 98 -0.34 36.29 -16.60
CA LEU A 98 -0.74 36.30 -15.20
C LEU A 98 -0.35 37.63 -14.54
N ASP A 99 -0.74 37.83 -13.29
CA ASP A 99 -0.42 39.02 -12.51
C ASP A 99 0.79 38.83 -11.60
N GLU A 100 1.64 37.84 -11.80
CA GLU A 100 2.87 37.73 -11.03
C GLU A 100 3.93 37.13 -11.92
N VAL A 101 5.19 37.29 -11.51
CA VAL A 101 6.31 36.90 -12.32
C VAL A 101 6.30 35.38 -12.50
N THR A 102 6.66 34.84 -13.68
CA THR A 102 6.95 33.39 -13.82
C THR A 102 8.25 33.22 -14.59
N THR A 103 8.62 31.96 -14.76
CA THR A 103 9.70 31.54 -15.67
C THR A 103 9.20 30.35 -16.44
N PHE A 104 9.89 29.96 -17.51
CA PHE A 104 9.50 28.87 -18.35
C PHE A 104 10.67 27.95 -18.36
N HIS A 105 10.64 26.91 -17.54
CA HIS A 105 11.73 25.96 -17.51
C HIS A 105 11.41 24.67 -18.24
N TRP A 106 12.31 24.26 -19.13
CA TRP A 106 12.17 23.10 -19.97
C TRP A 106 12.95 22.01 -19.24
N HIS A 107 12.27 21.32 -18.31
CA HIS A 107 12.90 20.36 -17.49
C HIS A 107 13.30 19.19 -18.35
N GLY A 108 14.54 18.93 -18.38
CA GLY A 108 15.11 17.90 -19.21
C GLY A 108 15.77 18.37 -20.49
N LEU A 109 15.54 19.64 -20.85
CA LEU A 109 16.11 20.18 -22.14
C LEU A 109 17.56 20.68 -22.00
N ASN A 110 18.49 20.14 -22.81
CA ASN A 110 19.87 20.66 -22.87
C ASN A 110 19.89 21.96 -23.61
N ILE A 111 19.95 23.04 -22.85
CA ILE A 111 19.83 24.39 -23.36
C ILE A 111 20.80 25.29 -22.53
N VAL A 112 21.34 26.33 -23.11
CA VAL A 112 22.26 27.19 -22.34
C VAL A 112 21.42 27.82 -21.17
N GLY A 113 22.09 28.30 -20.14
CA GLY A 113 21.43 28.99 -19.00
C GLY A 113 22.35 30.11 -18.55
N PRO A 114 21.91 30.99 -17.63
CA PRO A 114 20.67 30.85 -16.91
C PRO A 114 19.41 31.53 -17.49
N TYR A 115 19.46 32.02 -18.74
CA TYR A 115 18.32 32.75 -19.27
C TYR A 115 17.35 31.83 -20.10
N GLU A 116 17.89 31.17 -21.11
CA GLU A 116 17.11 30.27 -21.93
C GLU A 116 16.56 29.04 -21.11
N ASP A 117 17.36 28.56 -20.13
CA ASP A 117 17.02 27.48 -19.22
C ASP A 117 15.69 27.84 -18.48
N GLY A 118 15.39 29.10 -18.30
CA GLY A 118 14.16 29.52 -17.62
C GLY A 118 14.04 29.12 -16.14
N GLY A 119 15.17 28.96 -15.48
CA GLY A 119 15.18 28.98 -14.01
C GLY A 119 15.00 30.38 -13.38
N PRO A 120 15.37 30.54 -12.07
CA PRO A 120 15.03 31.80 -11.34
C PRO A 120 15.72 33.07 -11.85
N HIS A 121 16.75 32.93 -12.68
CA HIS A 121 17.36 34.11 -13.32
C HIS A 121 16.60 34.62 -14.53
N ALA A 122 15.47 34.03 -14.87
CA ALA A 122 14.85 34.37 -16.14
C ALA A 122 13.42 34.79 -15.91
N PRO A 123 13.20 35.80 -15.07
CA PRO A 123 11.80 36.23 -14.89
C PRO A 123 11.17 36.76 -16.14
N VAL A 124 9.91 36.44 -16.36
CA VAL A 124 9.04 37.12 -17.30
C VAL A 124 8.06 37.79 -16.39
N TYR A 125 8.01 39.07 -16.49
CA TYR A 125 7.13 39.89 -15.71
C TYR A 125 5.71 39.88 -16.17
N PRO A 126 4.78 40.34 -15.31
CA PRO A 126 3.34 40.23 -15.65
C PRO A 126 3.09 40.99 -16.92
N HIS A 127 2.35 40.45 -17.89
CA HIS A 127 2.10 41.14 -19.19
C HIS A 127 3.33 41.22 -20.11
N GLY A 128 4.47 40.69 -19.68
CA GLY A 128 5.65 40.68 -20.45
C GLY A 128 5.87 39.49 -21.33
N GLU A 129 7.03 39.49 -21.98
CA GLU A 129 7.34 38.46 -22.94
C GLU A 129 8.84 38.27 -23.02
N ARG A 130 9.35 37.11 -23.37
CA ARG A 130 10.79 36.94 -23.52
C ARG A 130 10.81 36.01 -24.71
N LYS A 131 11.91 35.98 -25.43
CA LYS A 131 12.04 35.16 -26.63
C LYS A 131 13.31 34.40 -26.50
N ILE A 132 13.29 33.13 -26.87
CA ILE A 132 14.45 32.33 -26.79
C ILE A 132 14.62 31.63 -28.07
N THR A 133 15.83 31.24 -28.32
CA THR A 133 16.17 30.57 -29.51
C THR A 133 17.06 29.41 -29.18
N PHE A 134 16.86 28.21 -29.74
CA PHE A 134 17.76 27.16 -29.35
C PHE A 134 17.68 26.07 -30.34
N THR A 135 18.76 25.31 -30.47
CA THR A 135 18.78 24.09 -31.27
C THR A 135 18.79 22.83 -30.37
N VAL A 136 18.01 21.81 -30.76
CA VAL A 136 17.82 20.70 -29.89
C VAL A 136 18.93 19.75 -30.24
N ASP A 137 19.68 19.32 -29.26
CA ASP A 137 20.93 18.58 -29.43
C ASP A 137 20.93 17.38 -28.41
N GLN A 138 19.89 16.58 -28.39
CA GLN A 138 19.78 15.42 -27.50
C GLN A 138 18.81 14.47 -28.13
N PRO A 139 18.87 13.18 -27.77
CA PRO A 139 17.91 12.21 -28.36
C PRO A 139 16.45 12.35 -27.88
N ALA A 140 15.60 11.59 -28.57
CA ALA A 140 14.17 11.50 -28.27
C ALA A 140 13.94 11.17 -26.80
N ALA A 141 12.95 11.87 -26.23
CA ALA A 141 12.66 11.81 -24.81
C ALA A 141 11.36 12.48 -24.49
N ASN A 142 10.78 12.12 -23.36
CA ASN A 142 9.67 12.84 -22.78
C ASN A 142 10.13 13.81 -21.75
N ILE A 143 9.82 15.13 -21.87
CA ILE A 143 10.38 16.14 -21.01
C ILE A 143 9.26 16.96 -20.69
N TRP A 144 9.45 18.06 -20.00
CA TRP A 144 8.30 18.89 -19.63
C TRP A 144 8.65 20.35 -19.36
N LEU A 145 7.63 21.16 -19.40
CA LEU A 145 7.75 22.56 -19.13
C LEU A 145 7.01 22.86 -17.89
N HIS A 146 7.57 23.67 -16.99
CA HIS A 146 6.88 24.17 -15.79
C HIS A 146 7.58 25.42 -15.32
N PRO A 147 6.96 26.13 -14.40
CA PRO A 147 7.56 27.33 -13.95
C PRO A 147 8.65 27.09 -12.94
N HIS A 148 9.52 28.09 -12.81
CA HIS A 148 10.58 28.05 -11.81
C HIS A 148 10.99 29.32 -11.09
N PRO A 149 10.05 30.19 -10.76
CA PRO A 149 10.44 31.39 -10.01
C PRO A 149 10.63 31.19 -8.48
N CYS A 150 11.83 30.94 -7.98
CA CYS A 150 12.20 30.82 -6.53
C CYS A 150 11.52 31.97 -5.79
N PRO A 151 10.81 31.81 -4.70
CA PRO A 151 10.44 30.53 -4.07
C PRO A 151 8.94 30.22 -4.32
N GLU A 152 8.41 30.53 -5.51
CA GLU A 152 7.00 30.39 -5.81
C GLU A 152 6.74 29.18 -6.70
N THR A 153 7.74 28.33 -7.00
CA THR A 153 7.54 27.27 -7.94
C THR A 153 6.39 26.29 -7.56
N ALA A 154 6.38 25.83 -6.34
CA ALA A 154 5.40 24.87 -5.84
C ALA A 154 4.02 25.36 -5.98
N ARG A 155 3.77 26.60 -5.65
CA ARG A 155 2.45 27.14 -5.79
C ARG A 155 2.03 27.29 -7.27
N GLN A 156 2.97 27.74 -8.14
CA GLN A 156 2.64 27.89 -9.50
C GLN A 156 2.31 26.57 -10.15
N VAL A 157 3.01 25.51 -9.76
CA VAL A 157 2.75 24.21 -10.38
C VAL A 157 1.36 23.73 -9.85
N TRP A 158 1.11 23.93 -8.56
CA TRP A 158 -0.18 23.60 -7.92
C TRP A 158 -1.33 24.22 -8.69
N ASN A 159 -1.18 25.49 -9.01
CA ASN A 159 -2.18 26.23 -9.67
C ASN A 159 -2.49 25.77 -11.08
N GLY A 160 -1.61 25.01 -11.68
CA GLY A 160 -1.91 24.41 -12.88
C GLY A 160 -0.86 24.44 -13.99
N LEU A 161 0.23 25.17 -13.90
CA LEU A 161 1.16 25.21 -14.96
C LEU A 161 2.07 24.00 -15.10
N ALA A 162 1.91 23.26 -16.18
CA ALA A 162 2.86 22.24 -16.56
C ALA A 162 2.48 21.83 -17.97
N ALA A 163 3.43 21.50 -18.87
CA ALA A 163 3.02 20.94 -20.14
C ALA A 163 3.86 19.77 -20.52
N PRO A 164 3.28 18.81 -21.22
CA PRO A 164 4.13 17.71 -21.67
C PRO A 164 4.87 18.06 -22.95
N VAL A 165 6.11 17.62 -23.08
CA VAL A 165 6.96 18.03 -24.20
C VAL A 165 7.58 16.76 -24.69
N ILE A 166 7.57 16.58 -26.00
CA ILE A 166 8.13 15.40 -26.68
C ILE A 166 9.23 15.86 -27.60
N ILE A 167 10.42 15.23 -27.50
CA ILE A 167 11.48 15.34 -28.49
C ILE A 167 11.48 14.05 -29.26
N THR A 168 11.53 14.13 -30.60
CA THR A 168 11.64 12.91 -31.44
C THR A 168 12.89 13.02 -32.26
N ASP A 169 13.31 11.89 -32.83
CA ASP A 169 14.53 11.81 -33.62
C ASP A 169 14.37 10.65 -34.53
N GLY A 170 15.37 10.40 -35.35
CA GLY A 170 15.23 9.37 -36.33
C GLY A 170 15.18 7.96 -35.78
N HIS A 171 15.96 7.73 -34.71
CA HIS A 171 15.95 6.40 -34.13
C HIS A 171 14.55 6.03 -33.63
N GLU A 172 13.91 6.91 -32.84
CA GLU A 172 12.67 6.62 -32.28
C GLU A 172 11.64 6.49 -33.37
N GLN A 173 11.75 7.34 -34.38
CA GLN A 173 10.96 7.21 -35.62
C GLN A 173 11.12 5.78 -36.26
N SER A 174 12.32 5.22 -36.34
CA SER A 174 12.52 3.90 -36.94
C SER A 174 11.78 2.78 -36.17
N LEU A 175 11.39 2.97 -34.92
CA LEU A 175 10.75 1.88 -34.18
C LEU A 175 9.29 1.84 -34.61
N LYS A 176 8.66 0.72 -34.38
CA LYS A 176 7.23 0.64 -34.92
C LYS A 176 6.18 1.09 -33.85
N LEU A 177 6.34 2.24 -33.21
CA LEU A 177 5.68 2.44 -31.88
C LEU A 177 4.29 2.95 -32.09
N PRO A 178 3.34 2.61 -31.19
CA PRO A 178 1.99 3.21 -31.26
C PRO A 178 2.16 4.69 -31.36
N ARG A 179 1.53 5.31 -32.34
CA ARG A 179 1.77 6.71 -32.50
C ARG A 179 0.55 7.58 -32.86
N ARG A 180 -0.71 7.09 -32.70
CA ARG A 180 -1.94 7.87 -32.89
C ARG A 180 -2.27 8.54 -31.62
N TRP A 181 -1.92 9.81 -31.56
CA TRP A 181 -2.08 10.59 -30.35
C TRP A 181 -3.48 10.59 -29.90
N GLY A 182 -3.73 10.20 -28.68
CA GLY A 182 -5.12 10.14 -28.16
C GLY A 182 -5.87 8.91 -28.50
N VAL A 183 -5.22 7.94 -29.15
CA VAL A 183 -5.89 6.74 -29.51
C VAL A 183 -5.08 5.55 -29.00
N ASN A 184 -3.80 5.55 -29.32
CA ASN A 184 -2.91 4.57 -28.73
C ASN A 184 -1.56 5.09 -28.22
N ASP A 185 -1.52 6.42 -27.94
CA ASP A 185 -0.29 7.07 -27.45
C ASP A 185 -0.81 8.21 -26.63
N PHE A 186 -0.50 8.18 -25.35
CA PHE A 186 -1.08 9.15 -24.39
C PHE A 186 0.01 9.80 -23.55
N PRO A 187 -0.06 11.10 -23.29
CA PRO A 187 0.63 11.60 -22.13
C PRO A 187 -0.22 11.21 -20.87
N VAL A 188 0.48 10.89 -19.76
CA VAL A 188 -0.15 10.69 -18.47
C VAL A 188 0.56 11.51 -17.38
N VAL A 189 0.10 12.73 -17.15
CA VAL A 189 0.68 13.63 -16.19
C VAL A 189 -0.11 13.42 -14.85
N LEU A 190 0.56 12.90 -13.83
CA LEU A 190 0.06 12.43 -12.62
C LEU A 190 0.26 13.53 -11.64
N GLN A 191 -0.82 13.96 -11.08
CA GLN A 191 -0.82 15.03 -10.04
C GLN A 191 -1.88 14.71 -8.99
N ASP A 192 -1.91 15.45 -7.89
CA ASP A 192 -2.80 15.19 -6.83
C ASP A 192 -3.14 16.53 -6.23
N ARG A 193 -4.39 16.74 -6.04
CA ARG A 193 -4.87 18.02 -5.51
C ARG A 193 -5.99 17.87 -4.56
N SER A 194 -6.14 18.95 -3.76
CA SER A 194 -7.27 19.15 -2.87
C SER A 194 -8.01 20.43 -3.27
N TYR A 195 -9.36 20.44 -3.09
CA TYR A 195 -10.16 21.55 -3.50
C TYR A 195 -10.98 22.00 -2.37
N HIS A 196 -11.36 23.27 -2.43
CA HIS A 196 -12.16 23.96 -1.35
C HIS A 196 -13.22 24.78 -2.06
N ASP A 197 -14.46 24.35 -1.97
CA ASP A 197 -15.51 24.90 -2.85
C ASP A 197 -15.14 24.85 -4.34
N ASN A 198 -14.64 23.67 -4.72
CA ASN A 198 -14.09 23.38 -6.01
C ASN A 198 -12.83 24.21 -6.46
N GLN A 199 -12.27 25.00 -5.56
CA GLN A 199 -11.15 25.86 -5.86
C GLN A 199 -9.82 25.37 -5.24
N LEU A 200 -8.72 25.82 -5.86
CA LEU A 200 -7.41 25.56 -5.33
C LEU A 200 -7.10 26.50 -4.27
N ASP A 201 -6.46 26.03 -3.19
CA ASP A 201 -5.96 26.96 -2.25
C ASP A 201 -4.65 26.47 -1.67
N TYR A 202 -3.55 26.70 -2.41
CA TYR A 202 -2.21 26.26 -2.00
C TYR A 202 -1.89 26.60 -0.55
N LYS A 203 -2.17 27.81 -0.10
CA LYS A 203 -1.76 28.24 1.25
C LYS A 203 -2.45 27.38 2.32
N ALA A 204 -3.70 27.00 2.07
CA ALA A 204 -4.45 26.18 2.98
C ALA A 204 -3.84 24.79 3.15
N ASP A 205 -3.41 24.16 2.07
CA ASP A 205 -2.92 22.80 2.03
C ASP A 205 -1.43 22.65 2.19
N TYR A 206 -0.69 23.77 2.18
CA TYR A 206 0.79 23.78 2.20
C TYR A 206 1.33 22.96 3.31
N ASP A 207 2.28 22.11 2.99
CA ASP A 207 3.18 21.51 4.01
C ASP A 207 4.62 21.73 3.52
N VAL A 208 5.46 22.28 4.41
CA VAL A 208 6.83 22.57 4.11
C VAL A 208 7.63 21.33 3.74
N ASP A 209 7.14 20.16 4.17
CA ASP A 209 7.78 18.88 3.80
C ASP A 209 7.31 18.27 2.46
N GLY A 210 6.37 18.95 1.79
CA GLY A 210 5.76 18.51 0.52
C GLY A 210 4.25 18.51 0.66
N THR A 211 3.58 19.25 -0.24
CA THR A 211 2.24 19.40 -0.26
C THR A 211 1.57 18.23 -1.05
N LEU A 212 0.70 17.53 -0.33
CA LEU A 212 -0.12 16.40 -0.81
C LEU A 212 -1.58 16.79 -1.09
N GLY A 213 -2.13 16.24 -2.16
CA GLY A 213 -3.58 16.46 -2.44
C GLY A 213 -4.39 15.20 -2.23
N ASP A 214 -5.66 15.38 -1.95
CA ASP A 214 -6.64 14.26 -1.75
C ASP A 214 -7.08 13.47 -2.94
N TYR A 215 -7.17 14.10 -4.10
CA TYR A 215 -7.61 13.46 -5.36
C TYR A 215 -6.53 13.39 -6.42
N ALA A 216 -6.65 12.34 -7.20
CA ALA A 216 -5.81 12.12 -8.26
C ALA A 216 -6.35 12.89 -9.50
N LEU A 217 -5.47 13.72 -10.06
CA LEU A 217 -5.73 14.59 -11.21
C LEU A 217 -4.86 14.16 -12.29
N VAL A 218 -5.39 13.53 -13.32
CA VAL A 218 -4.54 12.98 -14.40
C VAL A 218 -4.83 13.80 -15.69
N ASN A 219 -3.82 14.48 -16.21
CA ASN A 219 -3.96 15.42 -17.32
C ASN A 219 -5.06 16.33 -17.01
N GLY A 220 -5.19 16.72 -15.77
CA GLY A 220 -6.29 17.68 -15.40
C GLY A 220 -7.74 17.17 -15.30
N THR A 221 -7.89 15.84 -15.26
CA THR A 221 -9.13 15.15 -15.18
C THR A 221 -9.14 14.26 -13.94
N VAL A 222 -10.26 14.24 -13.29
CA VAL A 222 -10.53 13.32 -12.18
C VAL A 222 -11.38 12.12 -12.73
N ASN A 223 -11.30 10.96 -12.08
CA ASN A 223 -12.01 9.79 -12.55
C ASN A 223 -11.85 9.49 -14.03
N PRO A 224 -10.63 9.53 -14.52
CA PRO A 224 -10.42 9.30 -15.93
C PRO A 224 -10.66 7.91 -16.49
N VAL A 225 -11.10 7.88 -17.75
CA VAL A 225 -11.31 6.62 -18.50
C VAL A 225 -10.62 6.70 -19.85
N VAL A 226 -10.02 5.58 -20.34
CA VAL A 226 -9.48 5.50 -21.64
C VAL A 226 -10.22 4.40 -22.35
N ASN A 227 -10.71 4.68 -23.58
CA ASN A 227 -11.30 3.64 -24.42
C ASN A 227 -10.25 3.05 -25.28
N VAL A 228 -9.99 1.77 -25.08
CA VAL A 228 -8.95 1.11 -25.81
C VAL A 228 -9.55 0.56 -27.09
N THR A 229 -9.06 1.01 -28.23
CA THR A 229 -9.52 0.53 -29.51
C THR A 229 -8.46 -0.18 -30.27
N LYS A 230 -7.21 0.07 -29.99
CA LYS A 230 -6.09 -0.72 -30.49
C LYS A 230 -5.41 -1.25 -29.24
N PRO A 231 -4.94 -2.47 -29.26
CA PRO A 231 -4.53 -3.07 -27.98
C PRO A 231 -3.21 -2.67 -27.40
N ILE A 232 -2.28 -2.25 -28.28
CA ILE A 232 -0.94 -1.78 -27.84
C ILE A 232 -0.93 -0.32 -27.70
N VAL A 233 -0.77 0.09 -26.46
CA VAL A 233 -0.91 1.50 -26.00
C VAL A 233 0.49 2.00 -25.37
N ARG A 234 0.90 3.24 -25.73
CA ARG A 234 2.08 3.84 -25.14
C ARG A 234 1.56 4.78 -24.17
N LEU A 235 2.12 4.76 -22.95
CA LEU A 235 1.69 5.66 -21.91
C LEU A 235 2.98 6.40 -21.45
N ARG A 236 2.95 7.72 -21.49
CA ARG A 236 4.11 8.55 -21.22
C ARG A 236 3.91 9.07 -19.86
N PHE A 237 4.29 8.31 -18.83
CA PHE A 237 4.03 8.76 -17.44
C PHE A 237 4.99 9.85 -16.95
N LEU A 238 4.46 10.87 -16.28
CA LEU A 238 5.27 11.90 -15.66
C LEU A 238 4.73 12.07 -14.23
N ASN A 239 5.61 12.08 -13.20
CA ASN A 239 5.15 12.47 -11.90
C ASN A 239 5.25 13.99 -11.78
N GLY A 240 4.15 14.64 -11.89
CA GLY A 240 3.99 16.05 -11.85
C GLY A 240 3.51 16.61 -10.55
N SER A 241 3.67 15.82 -9.48
CA SER A 241 3.13 16.20 -8.18
C SER A 241 4.21 17.03 -7.48
N ASN A 242 3.83 17.75 -6.40
CA ASN A 242 4.68 18.53 -5.62
C ASN A 242 5.60 17.65 -4.71
N ARG A 243 5.10 16.45 -4.33
CA ARG A 243 5.77 15.53 -3.32
C ARG A 243 5.41 14.08 -3.51
N ARG A 244 4.12 13.75 -3.80
CA ARG A 244 3.60 12.36 -3.76
C ARG A 244 4.35 11.49 -4.70
N GLU A 245 4.59 10.26 -4.29
CA GLU A 245 5.16 9.22 -5.11
C GLU A 245 4.02 8.43 -5.74
N TRP A 246 4.22 7.77 -6.88
CA TRP A 246 3.10 7.07 -7.48
C TRP A 246 3.67 5.67 -7.64
N ARG A 247 2.99 4.65 -7.11
CA ARG A 247 3.45 3.24 -7.21
C ARG A 247 2.38 2.56 -8.13
N LEU A 248 2.72 2.54 -9.41
CA LEU A 248 1.84 2.24 -10.48
C LEU A 248 1.82 0.76 -10.85
N HIS A 249 0.59 0.21 -10.99
CA HIS A 249 0.49 -1.17 -11.43
C HIS A 249 -1.01 -1.41 -11.88
N PHE A 250 -1.22 -2.37 -12.76
CA PHE A 250 -2.59 -2.84 -13.03
C PHE A 250 -3.08 -3.62 -11.79
N ALA A 251 -4.38 -3.57 -11.54
CA ALA A 251 -5.05 -4.26 -10.41
C ALA A 251 -4.68 -5.73 -10.32
N ASP A 252 -4.61 -6.36 -11.46
CA ASP A 252 -4.18 -7.74 -11.50
C ASP A 252 -2.72 -7.98 -11.78
N TYR A 253 -1.91 -6.93 -11.70
CA TYR A 253 -0.45 -7.06 -11.92
C TYR A 253 -0.07 -7.49 -13.32
N HIS A 254 -0.89 -7.12 -14.30
CA HIS A 254 -0.65 -7.42 -15.73
C HIS A 254 0.68 -6.80 -16.11
N PRO A 255 1.54 -7.56 -16.72
CA PRO A 255 2.81 -6.97 -17.09
C PRO A 255 2.76 -5.81 -18.15
N PHE A 256 3.75 -4.94 -18.10
CA PHE A 256 4.02 -3.96 -19.08
C PHE A 256 5.57 -3.74 -19.28
N THR A 257 5.92 -2.91 -20.29
CA THR A 257 7.28 -2.78 -20.79
C THR A 257 7.71 -1.38 -20.70
N GLN A 258 8.76 -1.12 -19.88
CA GLN A 258 9.36 0.27 -19.92
C GLN A 258 10.33 0.37 -21.08
N ILE A 259 10.08 1.35 -21.93
CA ILE A 259 10.99 1.61 -23.07
C ILE A 259 11.75 2.90 -22.92
N GLY A 260 11.37 3.76 -22.00
CA GLY A 260 12.12 4.98 -21.87
C GLY A 260 12.11 5.57 -20.47
N SER A 261 13.17 6.34 -20.20
CA SER A 261 13.43 7.04 -18.96
C SER A 261 13.39 8.57 -19.30
N ASP A 262 13.64 9.36 -18.30
CA ASP A 262 13.71 10.80 -18.39
C ASP A 262 14.32 11.40 -19.68
N GLY A 263 15.48 10.87 -20.07
CA GLY A 263 16.31 11.53 -21.01
C GLY A 263 16.30 10.75 -22.29
N GLY A 264 15.55 9.64 -22.34
CA GLY A 264 15.33 8.87 -23.60
C GLY A 264 14.98 7.42 -23.51
N LEU A 265 14.92 6.81 -24.69
CA LEU A 265 14.83 5.38 -24.82
C LEU A 265 15.95 4.67 -24.05
N LEU A 266 15.61 3.56 -23.43
CA LEU A 266 16.47 2.80 -22.60
C LEU A 266 17.25 1.91 -23.58
N PRO A 267 18.40 1.42 -23.16
CA PRO A 267 19.16 0.55 -24.09
C PRO A 267 18.49 -0.79 -24.41
N GLU A 268 17.76 -1.34 -23.46
CA GLU A 268 16.90 -2.50 -23.64
C GLU A 268 15.55 -2.23 -22.98
N ALA A 269 14.50 -2.77 -23.60
CA ALA A 269 13.16 -2.70 -23.00
C ALA A 269 13.21 -3.53 -21.69
N VAL A 270 12.57 -3.03 -20.67
CA VAL A 270 12.48 -3.76 -19.35
C VAL A 270 11.00 -4.19 -19.04
N LYS A 271 10.77 -5.51 -18.91
CA LYS A 271 9.43 -6.05 -18.55
C LYS A 271 9.25 -5.82 -17.05
N MET A 272 8.09 -5.31 -16.63
CA MET A 272 7.79 -5.15 -15.17
C MET A 272 6.32 -5.28 -14.89
N ASP A 273 5.95 -5.47 -13.60
CA ASP A 273 4.54 -5.52 -13.25
C ASP A 273 4.17 -4.39 -12.40
N ARG A 274 5.14 -3.52 -12.14
CA ARG A 274 4.85 -2.27 -11.35
C ARG A 274 6.06 -1.28 -11.44
N ILE A 275 5.83 0.02 -11.16
CA ILE A 275 6.90 0.91 -11.21
C ILE A 275 6.57 2.05 -10.27
N MET A 276 7.60 2.58 -9.61
CA MET A 276 7.40 3.71 -8.73
C MET A 276 8.12 4.91 -9.34
N LEU A 277 7.47 6.10 -9.29
CA LEU A 277 8.11 7.33 -9.74
C LEU A 277 8.13 8.36 -8.63
N THR A 278 9.31 9.00 -8.37
CA THR A 278 9.34 10.14 -7.50
C THR A 278 9.17 11.42 -8.32
N CYS A 279 9.04 12.54 -7.62
CA CYS A 279 8.79 13.73 -8.34
C CYS A 279 9.71 14.02 -9.57
N ALA A 280 9.06 14.36 -10.72
CA ALA A 280 9.66 14.75 -11.99
C ALA A 280 10.19 13.63 -12.81
N GLU A 281 10.17 12.43 -12.31
CA GLU A 281 10.65 11.26 -13.14
C GLU A 281 9.61 10.93 -14.22
N ARG A 282 10.03 10.29 -15.32
CA ARG A 282 9.18 9.97 -16.41
C ARG A 282 9.47 8.54 -16.71
N ALA A 283 8.42 7.81 -17.12
CA ALA A 283 8.62 6.48 -17.67
C ALA A 283 7.74 6.35 -18.87
N ASP A 284 8.28 5.83 -19.97
CA ASP A 284 7.55 5.73 -21.18
C ASP A 284 7.34 4.21 -21.20
N VAL A 285 6.07 3.80 -21.27
CA VAL A 285 5.68 2.41 -21.10
C VAL A 285 4.74 1.92 -22.25
N LEU A 286 4.93 0.72 -22.77
CA LEU A 286 3.95 0.01 -23.65
C LEU A 286 3.17 -1.03 -22.82
N VAL A 287 1.88 -1.07 -23.05
CA VAL A 287 1.01 -2.09 -22.43
C VAL A 287 0.31 -2.74 -23.58
N ASN A 288 0.28 -4.05 -23.57
CA ASN A 288 -0.53 -4.79 -24.51
C ASN A 288 -1.84 -5.38 -23.89
N PHE A 289 -3.01 -4.79 -24.23
CA PHE A 289 -4.31 -5.27 -23.72
C PHE A 289 -4.94 -6.47 -24.43
N SER A 290 -4.20 -7.09 -25.34
CA SER A 290 -4.73 -8.16 -26.21
C SER A 290 -5.27 -9.42 -25.49
N ASP A 291 -4.73 -9.74 -24.31
CA ASP A 291 -5.24 -10.93 -23.56
C ASP A 291 -6.55 -10.66 -22.78
N TYR A 292 -7.13 -9.49 -22.90
CA TYR A 292 -8.40 -9.21 -22.25
C TYR A 292 -9.49 -9.31 -23.31
N GLN A 293 -10.72 -9.48 -22.83
CA GLN A 293 -11.89 -9.58 -23.71
C GLN A 293 -12.68 -8.33 -23.86
N PRO A 294 -13.25 -8.14 -25.06
CA PRO A 294 -14.00 -6.93 -25.31
C PRO A 294 -15.08 -6.74 -24.25
N GLY A 295 -15.32 -5.53 -23.82
CA GLY A 295 -16.17 -5.28 -22.70
C GLY A 295 -15.50 -5.36 -21.33
N GLN A 296 -14.32 -5.96 -21.12
CA GLN A 296 -13.62 -5.78 -19.83
C GLN A 296 -13.16 -4.37 -19.46
N GLU A 297 -13.11 -4.09 -18.15
CA GLU A 297 -12.59 -2.84 -17.61
C GLU A 297 -11.29 -3.26 -16.88
N VAL A 298 -10.17 -2.72 -17.25
CA VAL A 298 -8.85 -2.97 -16.63
C VAL A 298 -8.41 -1.69 -15.93
N ILE A 299 -8.03 -1.80 -14.66
CA ILE A 299 -7.85 -0.60 -13.86
C ILE A 299 -6.35 -0.48 -13.53
N LEU A 300 -5.74 0.67 -13.87
CA LEU A 300 -4.45 1.03 -13.42
C LEU A 300 -4.66 1.66 -12.08
N GLN A 301 -3.85 1.20 -11.12
CA GLN A 301 -3.88 1.76 -9.74
C GLN A 301 -2.50 2.42 -9.34
N THR A 302 -2.54 3.25 -8.34
CA THR A 302 -1.37 3.56 -7.54
C THR A 302 -1.67 3.01 -6.14
N ASP A 303 -0.74 2.27 -5.58
CA ASP A 303 -0.99 1.52 -4.33
C ASP A 303 -2.30 0.70 -4.59
N ASP A 304 -3.25 0.81 -3.70
CA ASP A 304 -4.56 0.13 -3.85
C ASP A 304 -5.72 1.03 -4.39
N PHE A 305 -5.40 2.18 -4.92
CA PHE A 305 -6.32 3.20 -5.38
C PHE A 305 -6.48 3.22 -6.90
N ASP A 306 -7.73 3.06 -7.31
CA ASP A 306 -8.15 3.05 -8.69
C ASP A 306 -7.78 4.42 -9.39
N LEU A 307 -6.92 4.35 -10.39
CA LEU A 307 -6.35 5.55 -10.97
C LEU A 307 -6.91 5.90 -12.39
N ILE A 308 -6.80 4.98 -13.36
CA ILE A 308 -7.35 5.12 -14.66
C ILE A 308 -8.03 3.81 -15.01
N LYS A 309 -9.23 3.94 -15.52
CA LYS A 309 -10.02 2.86 -16.12
C LYS A 309 -9.81 2.70 -17.60
N PHE A 310 -9.32 1.54 -18.03
CA PHE A 310 -9.20 1.22 -19.41
C PHE A 310 -10.34 0.32 -19.87
N LYS A 311 -11.18 0.84 -20.76
CA LYS A 311 -12.39 0.07 -21.25
C LYS A 311 -12.00 -0.65 -22.54
N ILE A 312 -12.04 -1.94 -22.52
CA ILE A 312 -11.50 -2.63 -23.63
C ILE A 312 -12.61 -2.72 -24.68
N GLY A 313 -12.34 -2.13 -25.84
CA GLY A 313 -13.26 -2.27 -27.03
C GLY A 313 -13.09 -3.50 -27.90
N ASP A 314 -13.59 -3.39 -29.14
CA ASP A 314 -13.45 -4.46 -30.10
C ASP A 314 -12.08 -4.39 -30.65
N ILE A 315 -11.27 -5.33 -30.21
CA ILE A 315 -9.84 -5.18 -30.09
C ILE A 315 -9.30 -6.35 -30.87
N LYS A 316 -8.64 -6.09 -31.99
CA LYS A 316 -7.96 -7.21 -32.65
C LYS A 316 -6.65 -7.36 -31.90
N LYS A 317 -6.36 -8.62 -31.56
CA LYS A 317 -5.13 -9.04 -30.92
C LYS A 317 -3.90 -8.73 -31.73
N GLU A 318 -2.84 -8.31 -31.07
CA GLU A 318 -1.59 -7.92 -31.74
C GLU A 318 -0.40 -8.26 -30.77
N ASN A 319 0.80 -8.31 -31.28
CA ASN A 319 2.05 -8.42 -30.48
C ASN A 319 3.02 -7.25 -30.66
N MET A 320 3.84 -7.01 -29.62
CA MET A 320 4.65 -5.78 -29.47
C MET A 320 5.83 -5.76 -30.36
N LEU A 321 6.71 -6.72 -30.16
CA LEU A 321 8.01 -6.72 -30.92
C LEU A 321 8.92 -5.45 -30.96
N LEU A 322 9.92 -5.49 -30.13
CA LEU A 322 10.87 -4.40 -29.99
C LEU A 322 12.21 -5.01 -30.26
N PRO A 323 13.07 -4.24 -30.92
CA PRO A 323 14.47 -4.71 -31.12
C PRO A 323 15.27 -4.75 -29.82
N SER A 324 16.35 -5.50 -29.83
CA SER A 324 17.25 -5.58 -28.73
C SER A 324 18.65 -5.47 -29.39
N PRO A 325 19.41 -4.42 -29.18
CA PRO A 325 19.11 -3.40 -28.24
C PRO A 325 17.99 -2.49 -28.75
N LEU A 326 17.33 -1.81 -27.80
CA LEU A 326 16.32 -0.83 -28.13
C LEU A 326 16.93 0.51 -28.61
N ALA A 327 18.10 0.85 -28.05
CA ALA A 327 18.75 2.14 -28.34
C ALA A 327 20.19 1.98 -27.90
N GLU A 328 21.04 2.84 -28.47
CA GLU A 328 22.48 2.92 -28.13
C GLU A 328 22.62 4.11 -27.26
N ILE A 329 23.19 3.86 -26.09
CA ILE A 329 23.53 4.92 -25.16
C ILE A 329 25.06 4.95 -25.17
N PRO A 330 25.65 6.11 -25.55
CA PRO A 330 27.08 6.17 -25.59
C PRO A 330 27.64 6.29 -24.17
N ALA A 331 28.63 5.50 -23.80
CA ALA A 331 29.11 5.66 -22.41
C ALA A 331 30.02 6.90 -22.38
N LEU A 332 29.82 7.65 -21.32
CA LEU A 332 30.60 8.78 -20.97
C LEU A 332 31.86 8.22 -20.35
N SER A 333 33.03 8.79 -20.59
CA SER A 333 34.18 8.36 -19.77
C SER A 333 34.82 9.57 -19.07
N VAL A 334 35.24 9.30 -17.84
CA VAL A 334 35.79 10.31 -16.96
C VAL A 334 37.32 10.29 -17.04
N ASP A 335 37.96 11.44 -16.81
CA ASP A 335 39.41 11.64 -17.06
C ASP A 335 40.32 11.00 -16.02
N GLU A 336 39.78 10.53 -14.88
CA GLU A 336 40.57 9.65 -13.94
C GLU A 336 41.87 10.29 -13.35
N ASN A 337 42.18 11.49 -13.84
CA ASN A 337 42.70 12.57 -13.03
C ASN A 337 41.68 13.43 -12.30
N THR A 338 40.40 13.25 -12.53
CA THR A 338 39.41 14.22 -11.94
C THR A 338 38.80 13.59 -10.68
N PRO A 339 38.67 14.39 -9.58
CA PRO A 339 38.03 13.89 -8.38
C PRO A 339 36.50 13.72 -8.52
N VAL A 340 36.01 13.09 -7.50
CA VAL A 340 34.56 12.89 -7.37
C VAL A 340 34.04 14.12 -6.71
N PHE A 341 33.01 14.76 -7.24
CA PHE A 341 32.30 15.88 -6.57
C PHE A 341 31.24 15.27 -5.66
N LYS A 342 31.10 15.77 -4.44
CA LYS A 342 30.23 15.23 -3.47
C LYS A 342 29.22 16.27 -3.15
N THR A 343 27.93 15.90 -3.17
CA THR A 343 26.88 16.81 -2.71
C THR A 343 26.00 16.03 -1.75
N VAL A 344 25.51 16.67 -0.73
CA VAL A 344 24.89 16.01 0.40
C VAL A 344 23.57 16.64 0.68
N MET A 345 22.51 15.84 0.57
CA MET A 345 21.16 16.27 0.93
C MET A 345 20.90 15.81 2.38
N SER A 346 20.35 16.68 3.19
CA SER A 346 20.19 16.35 4.59
C SER A 346 18.97 17.11 5.05
N GLY A 347 18.38 16.61 6.11
CA GLY A 347 17.23 17.20 6.69
C GLY A 347 15.93 16.85 5.98
N MET A 348 14.84 17.33 6.60
CA MET A 348 13.45 17.16 6.22
C MET A 348 12.75 18.41 6.67
N ASP A 349 11.52 18.59 6.19
CA ASP A 349 10.70 19.71 6.60
C ASP A 349 11.49 21.02 6.34
N ASP A 350 11.48 21.94 7.29
CA ASP A 350 12.20 23.21 7.08
C ASP A 350 13.73 23.12 7.33
N GLN A 351 14.22 21.95 7.76
CA GLN A 351 15.63 21.75 8.08
C GLN A 351 16.37 21.22 6.87
N VAL A 352 15.71 21.15 5.70
CA VAL A 352 16.34 20.63 4.51
C VAL A 352 17.56 21.48 4.17
N ARG A 353 18.67 20.83 3.79
CA ARG A 353 19.86 21.56 3.30
C ARG A 353 20.58 20.83 2.16
N LEU A 354 21.31 21.59 1.35
CA LEU A 354 22.11 21.00 0.29
C LEU A 354 23.54 21.39 0.57
N ASP A 355 24.39 20.44 0.93
CA ASP A 355 25.77 20.78 1.43
C ASP A 355 25.80 21.75 2.59
N GLY A 356 24.86 21.55 3.48
CA GLY A 356 24.63 22.39 4.68
C GLY A 356 24.16 23.77 4.44
N LYS A 357 23.82 24.15 3.19
CA LYS A 357 23.32 25.49 2.90
C LYS A 357 21.97 25.56 2.23
N LEU A 358 21.44 26.76 2.22
CA LEU A 358 20.31 27.12 1.46
C LEU A 358 20.73 27.93 0.25
N PHE A 359 19.97 27.82 -0.83
CA PHE A 359 20.23 28.47 -2.07
C PHE A 359 20.40 29.97 -1.84
N ASP A 360 21.34 30.56 -2.58
CA ASP A 360 21.59 32.02 -2.64
C ASP A 360 21.77 32.35 -4.13
N MET A 361 20.81 33.13 -4.69
CA MET A 361 20.77 33.44 -6.13
C MET A 361 22.07 34.01 -6.65
N GLN A 362 22.78 34.70 -5.78
CA GLN A 362 24.14 35.21 -6.15
C GLN A 362 25.32 34.29 -5.96
N ARG A 363 25.17 33.25 -5.16
CA ARG A 363 26.28 32.40 -4.87
C ARG A 363 26.44 31.28 -5.85
N ILE A 364 27.61 31.16 -6.43
CA ILE A 364 27.88 30.04 -7.32
C ILE A 364 28.59 29.01 -6.46
N ASP A 365 27.99 27.87 -6.20
CA ASP A 365 28.50 26.93 -5.28
C ASP A 365 29.56 26.07 -5.85
N THR A 366 29.61 25.84 -7.15
CA THR A 366 30.53 24.89 -7.83
C THR A 366 30.76 25.36 -9.30
N ARG A 367 31.78 24.78 -9.94
CA ARG A 367 32.10 25.06 -11.30
C ARG A 367 32.53 23.77 -11.90
N GLN A 368 32.42 23.66 -13.20
CA GLN A 368 32.87 22.45 -13.92
C GLN A 368 32.97 22.84 -15.40
N GLN A 369 33.94 22.27 -16.11
CA GLN A 369 34.25 22.66 -17.46
C GLN A 369 33.32 21.97 -18.36
N VAL A 370 32.99 22.71 -19.41
CA VAL A 370 32.19 22.20 -20.43
C VAL A 370 32.86 21.04 -21.07
N ASP A 371 32.04 20.10 -21.53
CA ASP A 371 32.46 18.85 -22.23
C ASP A 371 33.32 17.91 -21.41
N GLN A 372 33.56 18.16 -20.10
CA GLN A 372 34.37 17.23 -19.33
C GLN A 372 33.39 16.41 -18.49
N THR A 373 33.51 15.11 -18.54
CA THR A 373 32.69 14.26 -17.70
C THR A 373 33.24 14.14 -16.35
N GLN A 374 32.42 14.39 -15.33
CA GLN A 374 32.81 14.19 -13.92
C GLN A 374 31.86 13.21 -13.15
N ILE A 375 32.37 12.49 -12.18
CA ILE A 375 31.54 11.68 -11.26
C ILE A 375 31.04 12.61 -10.16
N TRP A 376 29.72 12.60 -9.98
CA TRP A 376 29.12 13.19 -8.79
C TRP A 376 28.62 12.09 -7.89
N GLU A 377 28.74 12.37 -6.62
CA GLU A 377 28.37 11.41 -5.55
C GLU A 377 27.36 12.11 -4.74
N VAL A 378 26.13 11.62 -4.89
CA VAL A 378 24.98 12.25 -4.19
C VAL A 378 24.47 11.41 -3.00
N SER A 379 24.28 12.03 -1.81
CA SER A 379 24.07 11.36 -0.61
C SER A 379 22.84 11.90 0.00
N ASN A 380 22.09 11.05 0.68
CA ASN A 380 21.02 11.52 1.56
C ASN A 380 21.30 10.96 2.99
N THR A 381 21.44 11.89 3.94
CA THR A 381 21.77 11.52 5.30
C THR A 381 20.59 11.37 6.20
N ASN A 382 19.34 11.36 5.74
CA ASN A 382 18.21 11.10 6.58
C ASN A 382 18.35 9.68 7.17
N ASP A 383 17.84 9.49 8.40
CA ASP A 383 17.72 8.07 9.00
C ASP A 383 16.85 7.10 8.16
N MET A 384 17.24 5.82 8.08
CA MET A 384 16.50 4.79 7.47
C MET A 384 15.09 4.64 8.05
N GLU A 385 14.97 4.72 9.38
CA GLU A 385 13.70 4.75 10.08
C GLU A 385 13.35 6.21 10.27
N GLY A 386 12.40 6.70 9.50
CA GLY A 386 11.90 8.06 9.61
C GLY A 386 12.29 9.01 8.44
N GLY A 387 13.21 8.63 7.62
CA GLY A 387 13.61 9.53 6.50
C GLY A 387 12.74 9.41 5.26
N MET A 388 13.12 10.12 4.22
CA MET A 388 12.34 10.25 3.04
C MET A 388 13.26 10.15 1.84
N ILE A 389 12.67 9.86 0.66
CA ILE A 389 13.41 9.73 -0.59
C ILE A 389 13.38 11.08 -1.23
N HIS A 390 14.56 11.66 -1.42
CA HIS A 390 14.66 12.98 -2.08
C HIS A 390 15.00 12.85 -3.56
N PRO A 391 14.09 13.35 -4.46
CA PRO A 391 14.42 13.24 -5.88
C PRO A 391 15.45 14.35 -6.32
N PHE A 392 16.63 13.91 -6.66
CA PHE A 392 17.68 14.82 -7.05
C PHE A 392 17.72 15.12 -8.54
N HIS A 393 17.74 16.40 -8.90
CA HIS A 393 17.67 16.83 -10.32
C HIS A 393 18.83 17.82 -10.64
N ILE A 394 19.41 17.73 -11.82
CA ILE A 394 20.38 18.69 -12.31
C ILE A 394 19.77 19.26 -13.60
N HIS A 395 19.74 20.58 -13.68
CA HIS A 395 19.52 21.23 -15.00
C HIS A 395 20.61 21.08 -16.01
N GLY A 396 20.21 21.15 -17.27
CA GLY A 396 21.09 21.39 -18.40
C GLY A 396 21.87 20.20 -18.88
N CYS A 397 21.53 19.03 -18.39
CA CYS A 397 22.20 17.84 -18.88
C CYS A 397 21.30 16.64 -18.67
N GLN A 398 21.71 15.52 -19.25
CA GLN A 398 21.18 14.20 -18.89
C GLN A 398 22.43 13.47 -18.35
N PHE A 399 22.28 12.64 -17.33
CA PHE A 399 23.43 11.90 -16.80
C PHE A 399 23.18 10.42 -16.79
N GLN A 400 24.23 9.66 -16.55
CA GLN A 400 24.16 8.25 -16.41
C GLN A 400 24.51 7.82 -14.96
N LEU A 401 23.90 6.77 -14.50
CA LEU A 401 24.11 6.20 -13.14
C LEU A 401 25.22 5.21 -13.20
N ILE A 402 26.09 5.26 -12.19
CA ILE A 402 27.18 4.25 -12.03
C ILE A 402 26.79 3.21 -10.96
N ASP A 403 26.37 3.61 -9.75
CA ASP A 403 26.04 2.67 -8.72
C ASP A 403 25.26 3.30 -7.66
N ARG A 404 24.60 2.49 -6.85
CA ARG A 404 23.79 2.95 -5.71
C ARG A 404 24.40 2.18 -4.51
N ASN A 405 24.96 2.89 -3.52
CA ASN A 405 25.69 2.18 -2.45
C ASN A 405 26.64 1.08 -2.85
N GLY A 406 27.32 1.32 -3.95
CA GLY A 406 28.31 0.45 -4.49
C GLY A 406 27.76 -0.74 -5.11
N HIS A 407 26.48 -0.88 -5.23
CA HIS A 407 25.99 -2.05 -5.94
C HIS A 407 25.34 -1.53 -7.24
N ALA A 408 24.80 -2.47 -8.01
CA ALA A 408 24.19 -2.22 -9.28
C ALA A 408 23.05 -1.20 -9.14
N VAL A 409 22.89 -0.37 -10.19
CA VAL A 409 21.81 0.58 -10.22
C VAL A 409 20.49 -0.15 -10.52
N ASN A 410 19.40 0.58 -10.43
CA ASN A 410 18.09 -0.07 -10.72
C ASN A 410 17.98 -0.53 -12.22
N PRO A 411 17.19 -1.57 -12.49
CA PRO A 411 17.16 -2.08 -13.84
C PRO A 411 16.66 -1.13 -14.93
N ASN A 412 15.87 -0.09 -14.56
CA ASN A 412 15.40 0.91 -15.53
C ASN A 412 16.27 2.24 -15.51
N GLU A 413 17.50 2.11 -15.02
CA GLU A 413 18.43 3.24 -14.86
C GLU A 413 19.72 3.05 -15.63
N HIS A 414 19.75 2.23 -16.69
CA HIS A 414 20.92 2.08 -17.52
C HIS A 414 20.98 3.08 -18.70
N GLY A 415 20.03 3.98 -18.80
CA GLY A 415 20.09 4.98 -19.86
C GLY A 415 20.31 6.37 -19.33
N TRP A 416 19.61 7.31 -19.96
CA TRP A 416 19.80 8.73 -19.60
C TRP A 416 18.73 9.14 -18.60
N LYS A 417 19.12 9.89 -17.55
CA LYS A 417 18.29 10.30 -16.46
C LYS A 417 18.57 11.71 -16.17
N ASP A 418 17.59 12.43 -15.64
CA ASP A 418 17.90 13.73 -15.06
C ASP A 418 17.41 13.93 -13.65
N THR A 419 16.54 13.05 -13.14
CA THR A 419 16.04 13.13 -11.78
C THR A 419 16.18 11.76 -11.18
N ILE A 420 16.67 11.65 -9.94
N ILE A 420 16.83 11.60 -10.02
CA ILE A 420 17.01 10.36 -9.36
CA ILE A 420 16.94 10.27 -9.40
C ILE A 420 16.54 10.35 -7.89
C ILE A 420 16.52 10.34 -7.93
N GLY A 421 15.72 9.38 -7.50
CA GLY A 421 15.35 9.25 -6.06
C GLY A 421 16.56 8.76 -5.28
N VAL A 422 16.86 9.48 -4.25
CA VAL A 422 17.99 9.09 -3.31
C VAL A 422 17.40 8.68 -1.98
N ASN A 423 17.59 7.44 -1.66
CA ASN A 423 17.01 6.83 -0.44
C ASN A 423 17.81 7.27 0.84
N PRO A 424 17.17 7.26 2.02
CA PRO A 424 17.94 7.50 3.30
C PRO A 424 19.16 6.60 3.45
N ASN A 425 20.29 7.22 3.89
CA ASN A 425 21.56 6.51 3.99
C ASN A 425 22.21 6.02 2.72
N GLU A 426 21.77 6.54 1.58
CA GLU A 426 22.20 6.04 0.36
C GLU A 426 23.17 7.07 -0.21
N THR A 427 24.08 6.54 -1.01
CA THR A 427 25.07 7.28 -1.77
C THR A 427 24.97 6.79 -3.22
N VAL A 428 24.70 7.71 -4.16
CA VAL A 428 24.51 7.35 -5.50
C VAL A 428 25.65 8.10 -6.30
N ARG A 429 26.32 7.37 -7.16
CA ARG A 429 27.24 7.97 -8.07
C ARG A 429 26.68 8.05 -9.46
N ILE A 430 26.79 9.22 -10.04
CA ILE A 430 26.45 9.51 -11.46
C ILE A 430 27.58 10.15 -12.27
N LYS A 431 27.50 10.04 -13.61
CA LYS A 431 28.46 10.69 -14.46
C LYS A 431 27.70 11.77 -15.23
N VAL A 432 28.27 12.94 -15.20
CA VAL A 432 27.64 14.18 -15.58
C VAL A 432 28.65 14.90 -16.54
N LYS A 433 28.24 15.12 -17.76
CA LYS A 433 28.95 15.94 -18.74
C LYS A 433 27.99 17.07 -19.18
N PHE A 434 28.42 18.30 -18.90
CA PHE A 434 27.68 19.46 -19.34
C PHE A 434 28.14 19.87 -20.74
N THR A 435 27.22 19.98 -21.72
CA THR A 435 27.53 20.28 -23.17
C THR A 435 27.22 21.70 -23.51
N LYS A 436 26.57 22.42 -22.62
CA LYS A 436 26.29 23.85 -22.81
C LYS A 436 26.87 24.71 -21.69
N LEU A 437 27.39 25.88 -22.06
CA LEU A 437 27.86 26.86 -21.10
C LEU A 437 26.70 27.57 -20.39
N GLY A 438 27.01 28.08 -19.22
CA GLY A 438 26.04 28.82 -18.42
C GLY A 438 26.06 28.50 -16.93
N ILE A 439 25.06 29.07 -16.25
CA ILE A 439 24.77 28.81 -14.85
C ILE A 439 23.49 27.90 -14.80
N PHE A 440 23.65 26.74 -14.16
CA PHE A 440 22.60 25.76 -13.97
C PHE A 440 22.34 25.41 -12.53
N MET A 441 21.11 25.01 -12.20
CA MET A 441 20.73 24.65 -10.86
C MET A 441 20.84 23.15 -10.62
N TYR A 442 21.03 22.77 -9.34
CA TYR A 442 20.83 21.35 -8.95
C TYR A 442 20.14 21.32 -7.66
N HIS A 443 19.14 20.42 -7.49
CA HIS A 443 18.31 20.53 -6.34
C HIS A 443 17.39 19.33 -6.16
N CYS A 444 16.78 19.29 -5.02
CA CYS A 444 15.67 18.39 -4.73
C CYS A 444 14.44 18.82 -5.48
N HIS A 445 13.74 17.84 -6.05
CA HIS A 445 12.52 18.18 -6.81
C HIS A 445 11.19 17.99 -6.08
N ILE A 446 11.25 17.78 -4.76
CA ILE A 446 10.13 18.03 -3.95
C ILE A 446 9.97 19.56 -3.88
N LEU A 447 8.89 20.11 -4.46
CA LEU A 447 8.80 21.53 -4.80
C LEU A 447 8.88 22.36 -3.56
N GLU A 448 8.30 21.91 -2.46
CA GLU A 448 8.44 22.66 -1.24
C GLU A 448 9.86 22.66 -0.65
N HIS A 449 10.59 21.61 -0.92
CA HIS A 449 12.01 21.56 -0.48
C HIS A 449 12.89 22.52 -1.28
N GLU A 450 12.64 22.53 -2.59
CA GLU A 450 13.24 23.46 -3.56
C GLU A 450 12.96 24.87 -3.11
N ASP A 451 11.71 25.19 -2.84
CA ASP A 451 11.36 26.57 -2.44
C ASP A 451 11.98 26.99 -1.09
N THR A 452 12.14 26.10 -0.15
CA THR A 452 12.83 26.38 1.11
C THR A 452 14.31 26.68 0.80
N GLY A 453 14.92 26.09 -0.20
CA GLY A 453 16.29 26.40 -0.54
C GLY A 453 17.21 25.19 -0.69
N MET A 454 16.65 23.99 -0.91
CA MET A 454 17.38 22.80 -1.04
C MET A 454 17.84 22.77 -2.48
N MET A 455 18.76 23.68 -2.79
CA MET A 455 19.09 24.06 -4.19
C MET A 455 20.45 24.74 -4.28
N ALA A 456 21.20 24.52 -5.38
CA ALA A 456 22.49 25.11 -5.58
C ALA A 456 22.70 25.43 -7.06
N GLN A 457 23.74 26.20 -7.35
CA GLN A 457 24.12 26.56 -8.74
C GLN A 457 25.55 26.14 -9.12
N ILE A 458 25.70 25.80 -10.37
CA ILE A 458 26.96 25.40 -10.93
C ILE A 458 27.17 26.25 -12.19
N GLU A 459 28.40 26.71 -12.38
CA GLU A 459 28.81 27.46 -13.56
C GLU A 459 29.61 26.53 -14.44
N ILE A 460 29.12 26.41 -15.67
CA ILE A 460 29.81 25.63 -16.65
C ILE A 460 30.59 26.57 -17.57
N PHE A 461 31.89 26.35 -17.76
CA PHE A 461 32.77 27.37 -18.46
C PHE A 461 33.65 26.75 -19.53
N ASP A 462 34.04 27.55 -20.50
CA ASP A 462 35.05 27.18 -21.51
C ASP A 462 36.22 28.07 -21.12
N PRO A 463 37.38 27.48 -20.80
CA PRO A 463 38.61 28.28 -20.65
C PRO A 463 39.07 29.01 -21.94
N ASP A 464 39.59 30.25 -21.87
CA ASP A 464 39.72 31.13 -23.11
C ASP A 464 38.54 30.85 -24.12
N HIS A 465 37.35 30.86 -23.55
CA HIS A 465 36.18 31.47 -24.17
C HIS A 465 35.30 31.89 -22.98
N PRO A 466 35.88 32.63 -21.97
CA PRO A 466 35.12 32.93 -20.71
C PRO A 466 33.94 33.87 -20.98
N ILE A 467 33.06 33.95 -19.98
CA ILE A 467 32.10 35.03 -19.96
C ILE A 467 31.84 35.27 -18.52
N GLU A 468 31.58 36.53 -18.24
CA GLU A 468 31.23 36.99 -16.93
C GLU A 468 29.66 37.12 -16.90
N TYR A 469 29.07 36.60 -15.82
CA TYR A 469 27.64 36.67 -15.51
C TYR A 469 27.40 37.75 -14.46
N HIS A 470 26.31 38.47 -14.67
CA HIS A 470 25.84 39.55 -13.81
C HIS A 470 24.64 39.04 -13.07
N LEU A 471 24.93 38.12 -12.14
CA LEU A 471 23.86 37.56 -11.28
C LEU A 471 23.33 38.69 -10.41
N MET A 472 22.01 38.82 -10.34
CA MET A 472 21.30 39.79 -9.45
C MET A 472 20.85 39.09 -8.16
N PRO A 473 20.87 39.83 -7.02
CA PRO A 473 20.09 39.37 -5.86
C PRO A 473 18.67 39.16 -6.30
N MET A 474 17.90 38.37 -5.55
CA MET A 474 16.44 38.27 -5.81
C MET A 474 15.88 39.68 -5.60
N ASN A 475 14.99 40.08 -6.54
CA ASN A 475 14.06 41.20 -6.36
C ASN A 475 13.51 41.09 -4.92
N HIS A 476 13.27 42.24 -4.31
CA HIS A 476 12.57 42.34 -3.06
C HIS A 476 11.04 42.41 -3.46
N LYS A 477 10.28 41.41 -3.00
CA LYS A 477 8.95 41.04 -3.59
C LYS A 477 7.75 41.84 -3.01
N SER B 1 -12.52 -18.66 -11.98
CA SER B 1 -11.58 -17.58 -12.32
C SER B 1 -10.83 -17.04 -11.02
N MET B 2 -9.50 -16.82 -11.06
CA MET B 2 -8.71 -16.46 -9.89
C MET B 2 -9.16 -15.11 -9.27
N ILE B 3 -9.34 -15.06 -7.99
CA ILE B 3 -9.65 -13.74 -7.27
C ILE B 3 -8.37 -12.83 -7.26
N THR B 4 -8.46 -11.57 -7.73
CA THR B 4 -7.26 -10.72 -7.78
C THR B 4 -7.56 -9.36 -7.20
N LYS B 5 -8.31 -9.34 -6.13
CA LYS B 5 -8.62 -8.18 -5.37
C LYS B 5 -8.89 -8.53 -3.93
N TYR B 6 -8.64 -7.58 -3.07
CA TYR B 6 -9.01 -7.65 -1.67
C TYR B 6 -10.54 -7.50 -1.61
N LEU B 7 -11.19 -8.20 -0.65
CA LEU B 7 -12.61 -8.40 -0.70
C LEU B 7 -13.29 -7.49 0.26
N TYR B 8 -12.68 -6.39 0.52
CA TYR B 8 -13.26 -5.36 1.37
C TYR B 8 -12.97 -4.01 0.72
N ASP B 9 -13.59 -2.99 1.22
CA ASP B 9 -13.68 -1.70 0.45
C ASP B 9 -12.48 -0.78 0.84
N GLU B 10 -11.74 -0.39 -0.16
CA GLU B 10 -10.46 0.32 -0.04
C GLU B 10 -10.65 1.68 0.59
N ASN B 11 -11.72 2.36 0.27
CA ASN B 11 -12.03 3.64 0.91
C ASN B 11 -12.02 3.58 2.43
N ALA B 12 -12.17 2.39 2.99
CA ALA B 12 -12.30 2.26 4.43
C ALA B 12 -11.11 1.58 5.15
N TYR B 13 -10.08 1.16 4.39
CA TYR B 13 -8.97 0.54 4.96
C TYR B 13 -8.37 1.32 6.20
N ASP B 14 -7.92 0.52 7.17
N ASP B 14 -7.73 0.54 7.07
CA ASP B 14 -6.89 0.86 8.15
CA ASP B 14 -7.13 1.07 8.32
C ASP B 14 -6.26 2.24 7.95
C ASP B 14 -6.10 2.20 8.06
N TYR B 15 -5.50 2.25 6.87
CA TYR B 15 -4.54 3.28 6.54
C TYR B 15 -5.12 4.62 6.19
N HIS B 16 -6.42 4.73 6.13
CA HIS B 16 -7.13 6.00 6.06
C HIS B 16 -7.31 6.70 7.38
N ASP B 17 -6.98 6.06 8.47
CA ASP B 17 -7.17 6.72 9.75
C ASP B 17 -6.02 7.71 9.99
N GLY B 18 -6.36 8.85 10.60
CA GLY B 18 -5.39 9.81 10.88
C GLY B 18 -4.29 9.42 11.85
N GLY B 19 -4.59 8.44 12.75
CA GLY B 19 -3.59 7.90 13.74
C GLY B 19 -2.85 6.67 13.20
N TYR B 20 -3.03 6.31 11.91
CA TYR B 20 -2.47 5.07 11.45
C TYR B 20 -0.92 5.09 11.40
N ARG B 21 -0.32 3.93 11.59
CA ARG B 21 1.11 3.80 11.45
C ARG B 21 1.40 2.58 10.68
N PRO B 22 2.13 2.73 9.63
CA PRO B 22 2.55 1.56 8.95
C PRO B 22 3.58 0.74 9.71
N LEU B 23 3.73 -0.48 9.30
CA LEU B 23 4.73 -1.36 9.86
C LEU B 23 6.16 -0.94 9.51
N LYS B 24 7.07 -1.12 10.44
CA LYS B 24 8.54 -0.86 10.27
C LYS B 24 9.35 -2.13 10.53
N LYS B 25 10.53 -2.16 9.99
CA LYS B 25 11.50 -3.24 10.13
C LYS B 25 11.92 -3.32 11.60
N ALA B 26 11.78 -4.48 12.21
CA ALA B 26 12.23 -4.76 13.59
C ALA B 26 13.78 -4.92 13.57
N PRO B 27 14.46 -4.46 14.59
CA PRO B 27 15.92 -4.67 14.62
C PRO B 27 16.33 -6.08 14.80
N GLY B 28 17.49 -6.42 14.42
CA GLY B 28 17.98 -7.79 14.74
C GLY B 28 18.14 -8.62 13.52
N GLU B 29 18.53 -9.88 13.71
CA GLU B 29 18.77 -10.78 12.61
C GLU B 29 17.40 -11.43 12.30
N GLU B 30 17.39 -12.17 11.21
CA GLU B 30 16.27 -13.03 10.88
C GLU B 30 16.29 -14.18 11.78
N HIS B 31 15.13 -14.66 12.12
CA HIS B 31 14.95 -15.83 13.05
C HIS B 31 14.03 -16.88 12.38
N PRO B 32 14.31 -18.17 12.54
CA PRO B 32 13.28 -19.11 12.08
C PRO B 32 11.89 -18.87 12.76
N LEU B 33 10.79 -19.14 12.02
CA LEU B 33 9.48 -18.85 12.54
C LEU B 33 9.22 -19.77 13.73
N ASN B 34 8.87 -19.21 14.86
N ASN B 34 8.77 -19.20 14.84
CA ASN B 34 8.53 -20.03 16.06
CA ASN B 34 8.25 -19.99 16.04
C ASN B 34 7.18 -20.82 15.84
C ASN B 34 7.13 -20.90 15.60
N VAL B 35 7.22 -22.14 16.03
CA VAL B 35 6.06 -23.05 15.81
C VAL B 35 5.72 -23.68 17.17
N PRO B 36 4.60 -23.32 17.79
CA PRO B 36 4.22 -23.92 19.11
C PRO B 36 4.04 -25.42 19.03
N ALA B 37 4.58 -26.17 19.99
CA ALA B 37 4.31 -27.58 20.15
C ALA B 37 2.82 -27.79 20.54
N PHE B 38 2.29 -28.95 20.20
CA PHE B 38 0.97 -29.32 20.68
C PHE B 38 0.90 -29.54 22.19
N LEU B 39 -0.13 -29.03 22.83
CA LEU B 39 -0.41 -29.43 24.22
C LEU B 39 -0.59 -30.94 24.35
N LYS B 40 0.07 -31.59 25.29
CA LYS B 40 -0.16 -32.96 25.49
C LYS B 40 -1.23 -33.21 26.56
N PRO B 41 -2.00 -34.27 26.36
CA PRO B 41 -3.03 -34.61 27.41
C PRO B 41 -2.46 -35.00 28.74
N ASP B 42 -3.11 -34.64 29.78
CA ASP B 42 -2.79 -35.11 31.15
C ASP B 42 -3.13 -36.61 31.32
N ARG B 43 -4.25 -36.98 30.74
CA ARG B 43 -4.84 -38.33 30.95
C ARG B 43 -5.86 -38.50 29.82
N ILE B 44 -6.16 -39.75 29.52
CA ILE B 44 -7.29 -40.09 28.67
C ILE B 44 -8.13 -41.15 29.40
N GLU B 45 -9.44 -41.11 29.13
CA GLU B 45 -10.38 -42.08 29.71
C GLU B 45 -11.36 -42.39 28.58
N GLY B 46 -11.16 -43.50 27.84
CA GLY B 46 -12.18 -43.88 26.87
C GLY B 46 -12.22 -42.91 25.73
N ASN B 47 -13.26 -42.12 25.62
CA ASN B 47 -13.22 -41.03 24.66
C ASN B 47 -13.14 -39.67 25.23
N GLU B 48 -12.57 -39.60 26.44
CA GLU B 48 -12.46 -38.37 27.19
C GLU B 48 -10.97 -38.00 27.37
N ILE B 49 -10.67 -36.74 27.11
CA ILE B 49 -9.29 -36.27 27.08
C ILE B 49 -9.24 -35.15 28.05
N TYR B 50 -8.21 -35.19 28.90
CA TYR B 50 -8.04 -34.24 29.96
C TYR B 50 -6.83 -33.31 29.60
N TYR B 51 -6.99 -32.01 29.73
CA TYR B 51 -5.93 -31.05 29.36
C TYR B 51 -5.85 -30.05 30.48
N THR B 52 -4.68 -29.36 30.63
CA THR B 52 -4.54 -28.29 31.53
C THR B 52 -3.91 -27.08 30.83
N VAL B 53 -4.50 -25.88 31.05
CA VAL B 53 -4.04 -24.70 30.38
C VAL B 53 -3.86 -23.69 31.47
N THR B 54 -2.65 -23.08 31.54
CA THR B 54 -2.32 -22.18 32.62
C THR B 54 -1.82 -20.83 32.01
N ALA B 55 -2.56 -19.79 32.31
CA ALA B 55 -2.13 -18.43 31.99
C ALA B 55 -0.94 -18.08 32.92
N GLN B 56 0.17 -17.60 32.35
CA GLN B 56 1.30 -17.22 33.21
C GLN B 56 2.18 -16.12 32.59
N ALA B 57 3.14 -15.65 33.37
CA ALA B 57 4.18 -14.64 32.91
C ALA B 57 5.51 -15.32 32.70
N GLY B 58 6.34 -14.71 31.88
CA GLY B 58 7.65 -15.25 31.56
C GLY B 58 8.42 -14.17 30.77
N GLU B 59 9.51 -14.51 30.15
N GLU B 59 9.53 -14.63 30.20
CA GLU B 59 10.45 -13.53 29.53
CA GLU B 59 10.57 -13.84 29.45
C GLU B 59 10.68 -14.26 28.16
C GLU B 59 10.59 -14.41 28.07
N THR B 60 10.47 -13.56 27.05
CA THR B 60 10.60 -14.12 25.71
C THR B 60 11.71 -13.36 25.00
N LYS B 61 12.58 -14.09 24.29
CA LYS B 61 13.66 -13.34 23.58
C LYS B 61 13.05 -12.86 22.25
N ILE B 62 12.72 -11.57 22.12
CA ILE B 62 12.09 -11.13 20.83
C ILE B 62 13.05 -10.20 20.08
N LEU B 63 13.48 -9.14 20.76
CA LEU B 63 14.44 -8.21 20.13
C LEU B 63 15.91 -8.37 20.64
N PRO B 64 16.89 -7.83 19.91
CA PRO B 64 18.27 -7.97 20.45
C PRO B 64 18.40 -7.22 21.72
N GLY B 65 19.16 -7.79 22.63
CA GLY B 65 19.31 -7.15 23.98
C GLY B 65 18.41 -7.82 24.99
N LYS B 66 17.79 -7.02 25.83
CA LYS B 66 17.00 -7.59 26.96
C LYS B 66 15.82 -8.45 26.43
N PRO B 67 15.46 -9.54 27.14
CA PRO B 67 14.25 -10.28 26.83
C PRO B 67 13.05 -9.45 27.19
N THR B 68 11.89 -9.78 26.55
CA THR B 68 10.69 -8.94 26.75
C THR B 68 9.81 -9.67 27.85
N HIS B 69 9.31 -8.99 28.85
CA HIS B 69 8.36 -9.64 29.81
C HIS B 69 6.99 -9.73 29.12
N THR B 70 6.53 -10.94 29.02
CA THR B 70 5.31 -11.27 28.24
C THR B 70 4.37 -12.24 29.08
N TRP B 71 3.13 -12.42 28.66
CA TRP B 71 2.25 -13.49 29.23
C TRP B 71 1.96 -14.50 28.13
N GLY B 72 1.75 -15.73 28.54
CA GLY B 72 1.42 -16.75 27.62
C GLY B 72 0.67 -17.93 28.29
N TYR B 73 0.16 -18.88 27.49
CA TYR B 73 -0.48 -20.07 28.01
C TYR B 73 0.58 -21.13 28.04
N ASN B 74 0.81 -21.72 29.23
CA ASN B 74 1.73 -22.81 29.34
C ASN B 74 3.14 -22.44 28.93
N GLY B 75 3.47 -21.16 29.12
CA GLY B 75 4.75 -20.63 28.53
C GLY B 75 4.79 -19.14 28.52
N SER B 76 5.90 -18.52 27.99
CA SER B 76 6.06 -17.05 28.21
C SER B 76 5.21 -16.16 27.34
N ILE B 77 4.83 -16.69 26.16
CA ILE B 77 4.03 -15.92 25.21
C ILE B 77 3.15 -16.84 24.36
N LEU B 78 2.06 -16.25 23.87
CA LEU B 78 1.11 -17.03 23.01
C LEU B 78 0.62 -18.31 23.71
N GLY B 79 0.81 -19.49 23.16
CA GLY B 79 0.32 -20.68 23.83
C GLY B 79 0.69 -21.84 22.95
N PRO B 80 0.44 -23.10 23.42
CA PRO B 80 0.68 -24.36 22.67
C PRO B 80 -0.42 -24.41 21.62
N ALA B 81 -0.21 -25.22 20.63
CA ALA B 81 -1.30 -25.58 19.67
C ALA B 81 -2.15 -26.54 20.44
N ILE B 82 -3.48 -26.42 20.36
CA ILE B 82 -4.40 -27.27 21.14
C ILE B 82 -5.26 -28.01 20.18
N GLN B 83 -5.18 -29.35 20.16
CA GLN B 83 -5.99 -30.09 19.22
C GLN B 83 -7.25 -30.66 19.87
N PHE B 84 -8.39 -30.51 19.16
CA PHE B 84 -9.68 -31.16 19.60
C PHE B 84 -10.13 -32.01 18.39
N GLU B 85 -10.80 -33.13 18.62
CA GLU B 85 -11.39 -33.90 17.54
C GLU B 85 -12.93 -33.88 17.62
N THR B 86 -13.61 -33.69 16.48
CA THR B 86 -15.09 -33.73 16.40
C THR B 86 -15.59 -35.03 17.07
N GLY B 87 -16.54 -34.87 17.96
CA GLY B 87 -17.16 -36.00 18.64
C GLY B 87 -16.54 -36.42 19.97
N LYS B 88 -15.40 -35.90 20.37
CA LYS B 88 -14.76 -36.34 21.61
C LYS B 88 -15.10 -35.38 22.70
N THR B 89 -14.87 -35.81 23.95
CA THR B 89 -15.25 -35.01 25.08
C THR B 89 -13.96 -34.60 25.72
N TYR B 90 -13.89 -33.35 26.18
CA TYR B 90 -12.67 -32.74 26.74
C TYR B 90 -12.96 -32.27 28.10
N HIS B 91 -12.04 -32.52 29.07
CA HIS B 91 -12.14 -31.92 30.41
C HIS B 91 -10.92 -31.05 30.48
N VAL B 92 -11.13 -29.77 30.72
CA VAL B 92 -10.04 -28.84 30.67
C VAL B 92 -9.97 -28.10 31.96
N THR B 93 -8.80 -28.15 32.63
CA THR B 93 -8.52 -27.35 33.83
C THR B 93 -7.86 -26.06 33.43
N LEU B 94 -8.41 -24.97 33.89
CA LEU B 94 -7.99 -23.70 33.50
C LEU B 94 -7.41 -23.03 34.72
N LYS B 95 -6.10 -22.73 34.69
CA LYS B 95 -5.43 -22.15 35.84
C LYS B 95 -4.90 -20.81 35.52
N ASN B 96 -5.17 -19.88 36.43
CA ASN B 96 -4.61 -18.60 36.33
C ASN B 96 -3.35 -18.35 37.24
N GLU B 97 -2.11 -18.33 36.65
CA GLU B 97 -0.81 -18.00 37.35
C GLU B 97 -0.44 -16.56 37.30
N LEU B 98 -1.27 -15.67 36.80
CA LEU B 98 -1.04 -14.22 36.79
C LEU B 98 -1.55 -13.60 38.10
N ASP B 99 -1.29 -12.32 38.28
CA ASP B 99 -1.70 -11.55 39.43
C ASP B 99 -2.94 -10.72 39.22
N GLU B 100 -3.63 -10.96 38.12
CA GLU B 100 -4.91 -10.35 37.88
C GLU B 100 -5.89 -11.39 37.23
N VAL B 101 -7.19 -11.05 37.31
CA VAL B 101 -8.34 -11.88 36.84
C VAL B 101 -8.15 -12.15 35.36
N THR B 102 -8.28 -13.39 34.90
CA THR B 102 -8.58 -13.60 33.46
C THR B 102 -9.80 -14.49 33.16
N THR B 103 -9.97 -14.78 31.87
CA THR B 103 -11.03 -15.63 31.42
C THR B 103 -10.41 -16.42 30.28
N PHE B 104 -11.05 -17.52 29.91
CA PHE B 104 -10.52 -18.40 28.87
C PHE B 104 -11.62 -18.59 27.81
N HIS B 105 -11.58 -17.76 26.81
CA HIS B 105 -12.57 -17.82 25.76
C HIS B 105 -12.09 -18.64 24.55
N TRP B 106 -12.86 -19.69 24.18
CA TRP B 106 -12.57 -20.45 23.01
C TRP B 106 -13.34 -19.86 21.75
N HIS B 107 -12.73 -18.91 21.05
CA HIS B 107 -13.34 -18.18 19.92
C HIS B 107 -13.51 -19.20 18.74
N GLY B 108 -14.79 -19.45 18.41
CA GLY B 108 -15.23 -20.35 17.34
C GLY B 108 -15.70 -21.70 17.77
N LEU B 109 -15.58 -21.96 19.05
CA LEU B 109 -16.07 -23.27 19.62
C LEU B 109 -17.53 -23.19 19.95
N ASN B 110 -18.30 -24.12 19.48
CA ASN B 110 -19.78 -24.21 19.83
C ASN B 110 -19.83 -24.96 21.15
N ILE B 111 -20.10 -24.21 22.20
CA ILE B 111 -20.01 -24.65 23.61
C ILE B 111 -21.06 -23.80 24.34
N VAL B 112 -21.46 -24.30 25.50
CA VAL B 112 -22.47 -23.68 26.36
C VAL B 112 -21.85 -22.47 26.98
N GLY B 113 -22.69 -21.48 27.28
CA GLY B 113 -22.25 -20.33 27.98
C GLY B 113 -23.22 -19.98 29.07
N PRO B 114 -22.91 -18.92 29.83
CA PRO B 114 -21.67 -18.11 29.68
C PRO B 114 -20.35 -18.60 30.35
N TYR B 115 -20.39 -19.71 31.10
CA TYR B 115 -19.24 -20.11 31.94
C TYR B 115 -18.20 -20.89 31.17
N GLU B 116 -18.66 -21.94 30.51
CA GLU B 116 -17.71 -22.73 29.67
C GLU B 116 -17.19 -21.96 28.40
N ASP B 117 -18.00 -21.04 27.87
CA ASP B 117 -17.72 -20.16 26.72
C ASP B 117 -16.49 -19.26 27.04
N GLY B 118 -16.29 -18.96 28.32
CA GLY B 118 -15.16 -18.23 28.81
C GLY B 118 -15.31 -16.77 28.54
N GLY B 119 -16.49 -16.27 28.38
CA GLY B 119 -16.58 -14.85 28.32
C GLY B 119 -16.41 -14.14 29.65
N PRO B 120 -16.81 -12.85 29.65
CA PRO B 120 -16.70 -12.04 30.85
C PRO B 120 -17.45 -12.57 32.08
N HIS B 121 -18.46 -13.44 31.96
CA HIS B 121 -19.07 -14.07 33.14
C HIS B 121 -18.27 -15.27 33.79
N ALA B 122 -17.07 -15.61 33.28
CA ALA B 122 -16.28 -16.79 33.66
C ALA B 122 -14.87 -16.44 34.21
N PRO B 123 -14.85 -15.53 35.22
CA PRO B 123 -13.53 -15.16 35.79
C PRO B 123 -12.82 -16.31 36.53
N VAL B 124 -11.52 -16.37 36.29
CA VAL B 124 -10.66 -17.21 37.05
C VAL B 124 -9.68 -16.23 37.76
N TYR B 125 -9.63 -16.32 39.08
CA TYR B 125 -8.95 -15.32 39.92
C TYR B 125 -7.51 -15.76 40.04
N PRO B 126 -6.62 -14.85 40.45
CA PRO B 126 -5.24 -15.17 40.60
C PRO B 126 -5.05 -16.37 41.52
N HIS B 127 -4.22 -17.33 41.10
CA HIS B 127 -3.85 -18.57 41.78
C HIS B 127 -5.10 -19.46 41.91
N GLY B 128 -6.18 -19.12 41.18
CA GLY B 128 -7.31 -19.96 41.05
C GLY B 128 -7.27 -20.89 39.86
N GLU B 129 -8.39 -21.64 39.80
CA GLU B 129 -8.63 -22.73 38.91
C GLU B 129 -10.14 -22.87 38.61
N ARG B 130 -10.48 -23.34 37.40
CA ARG B 130 -11.91 -23.62 36.91
C ARG B 130 -11.83 -24.87 36.10
N LYS B 131 -12.83 -25.74 36.15
CA LYS B 131 -12.79 -26.89 35.31
C LYS B 131 -14.05 -26.88 34.41
N ILE B 132 -13.92 -27.43 33.21
CA ILE B 132 -14.87 -27.29 32.11
C ILE B 132 -14.85 -28.63 31.44
N THR B 133 -16.01 -29.10 30.96
CA THR B 133 -16.15 -30.34 30.20
C THR B 133 -17.08 -30.03 29.04
N PHE B 134 -16.82 -30.57 27.85
CA PHE B 134 -17.64 -30.27 26.69
C PHE B 134 -17.32 -31.30 25.69
N THR B 135 -18.28 -31.52 24.78
CA THR B 135 -18.10 -32.38 23.65
C THR B 135 -18.10 -31.49 22.36
N VAL B 136 -17.19 -31.85 21.45
CA VAL B 136 -16.98 -31.08 20.23
C VAL B 136 -17.95 -31.60 19.17
N ASP B 137 -18.75 -30.72 18.73
CA ASP B 137 -19.85 -31.02 17.87
C ASP B 137 -19.82 -29.99 16.71
N GLN B 138 -18.71 -29.94 15.98
CA GLN B 138 -18.56 -29.04 14.84
C GLN B 138 -17.48 -29.62 13.96
N PRO B 139 -17.44 -29.25 12.64
CA PRO B 139 -16.49 -29.93 11.89
C PRO B 139 -15.10 -29.21 12.11
N ALA B 140 -14.15 -29.78 11.41
CA ALA B 140 -12.80 -29.35 11.44
C ALA B 140 -12.63 -27.89 11.05
N ALA B 141 -11.71 -27.24 11.75
CA ALA B 141 -11.59 -25.80 11.65
C ALA B 141 -10.42 -25.26 12.48
N ASN B 142 -10.02 -24.05 12.16
CA ASN B 142 -8.95 -23.30 12.90
C ASN B 142 -9.66 -22.30 13.75
N ILE B 143 -9.53 -22.50 15.08
CA ILE B 143 -10.15 -21.54 16.00
C ILE B 143 -9.07 -21.09 16.96
N TRP B 144 -9.35 -20.34 18.05
CA TRP B 144 -8.29 -19.95 18.90
C TRP B 144 -8.83 -19.68 20.30
N LEU B 145 -7.91 -19.66 21.24
CA LEU B 145 -8.16 -19.33 22.64
C LEU B 145 -7.58 -17.94 22.94
N HIS B 146 -8.34 -17.11 23.66
CA HIS B 146 -7.80 -15.86 24.09
C HIS B 146 -8.56 -15.35 25.29
N PRO B 147 -8.03 -14.45 26.01
CA PRO B 147 -8.81 -14.00 27.16
C PRO B 147 -9.95 -13.12 26.85
N HIS B 148 -10.85 -13.00 27.78
CA HIS B 148 -11.99 -12.13 27.59
C HIS B 148 -12.54 -11.41 28.81
N PRO B 149 -11.71 -10.93 29.78
CA PRO B 149 -12.34 -10.16 30.89
C PRO B 149 -12.70 -8.73 30.46
N CYS B 150 -13.95 -8.42 30.15
CA CYS B 150 -14.41 -6.98 30.08
C CYS B 150 -13.82 -6.10 31.25
N PRO B 151 -13.21 -4.90 31.04
CA PRO B 151 -12.76 -4.36 29.76
C PRO B 151 -11.22 -4.43 29.64
N GLU B 152 -10.61 -5.56 30.00
CA GLU B 152 -9.12 -5.69 29.98
C GLU B 152 -8.65 -6.62 28.89
N THR B 153 -9.57 -7.03 28.01
CA THR B 153 -9.26 -7.98 26.94
C THR B 153 -8.11 -7.51 26.02
N ALA B 154 -8.17 -6.23 25.61
CA ALA B 154 -7.18 -5.66 24.70
C ALA B 154 -5.79 -5.69 25.29
N ARG B 155 -5.72 -5.34 26.55
CA ARG B 155 -4.41 -5.39 27.26
C ARG B 155 -3.86 -6.75 27.41
N GLN B 156 -4.77 -7.69 27.75
CA GLN B 156 -4.33 -9.03 27.99
C GLN B 156 -3.84 -9.76 26.77
N VAL B 157 -4.51 -9.50 25.68
CA VAL B 157 -4.07 -10.02 24.43
C VAL B 157 -2.73 -9.37 24.00
N TRP B 158 -2.65 -8.06 24.17
CA TRP B 158 -1.36 -7.29 23.90
C TRP B 158 -0.21 -7.85 24.65
N ASN B 159 -0.48 -8.14 25.92
CA ASN B 159 0.61 -8.72 26.76
C ASN B 159 1.08 -10.10 26.38
N GLY B 160 0.29 -10.82 25.56
CA GLY B 160 0.79 -12.00 24.90
C GLY B 160 -0.18 -13.24 24.88
N LEU B 161 -1.31 -13.18 25.54
CA LEU B 161 -2.25 -14.42 25.64
C LEU B 161 -3.01 -14.73 24.37
N ALA B 162 -2.64 -15.79 23.66
CA ALA B 162 -3.53 -16.30 22.61
C ALA B 162 -2.96 -17.66 22.21
N ALA B 163 -3.77 -18.64 21.92
CA ALA B 163 -3.24 -19.89 21.46
C ALA B 163 -3.99 -20.31 20.22
N PRO B 164 -3.26 -20.86 19.22
CA PRO B 164 -3.97 -21.48 18.12
C PRO B 164 -4.61 -22.84 18.55
N VAL B 165 -5.87 -23.03 18.08
CA VAL B 165 -6.65 -24.27 18.32
C VAL B 165 -7.11 -24.91 17.05
N ILE B 166 -6.91 -26.22 16.95
CA ILE B 166 -7.20 -26.92 15.74
C ILE B 166 -8.26 -28.01 16.08
N ILE B 167 -9.43 -27.95 15.46
CA ILE B 167 -10.37 -29.12 15.46
C ILE B 167 -10.11 -29.96 14.18
N THR B 168 -9.95 -31.30 14.28
CA THR B 168 -9.80 -32.15 13.16
C THR B 168 -11.05 -33.05 13.12
N ASP B 169 -11.25 -33.72 11.99
CA ASP B 169 -12.32 -34.73 11.86
C ASP B 169 -11.97 -35.63 10.72
N GLY B 170 -12.82 -36.64 10.52
CA GLY B 170 -12.47 -37.73 9.57
C GLY B 170 -12.40 -37.26 8.14
N HIS B 171 -13.37 -36.40 7.74
CA HIS B 171 -13.38 -35.85 6.41
C HIS B 171 -12.09 -35.06 6.10
N GLU B 172 -11.77 -34.13 6.96
CA GLU B 172 -10.51 -33.35 6.74
C GLU B 172 -9.29 -34.30 6.67
N GLN B 173 -9.30 -35.33 7.55
CA GLN B 173 -8.18 -36.30 7.54
C GLN B 173 -8.09 -37.13 6.28
N SER B 174 -9.24 -37.45 5.68
CA SER B 174 -9.24 -38.21 4.40
C SER B 174 -8.70 -37.42 3.22
N LEU B 175 -8.57 -36.09 3.30
CA LEU B 175 -8.02 -35.32 2.18
C LEU B 175 -6.53 -35.43 1.97
N LYS B 176 -5.78 -35.77 2.99
CA LYS B 176 -4.32 -35.90 2.83
C LYS B 176 -3.68 -34.54 2.45
N LEU B 177 -3.98 -33.53 3.21
CA LEU B 177 -3.39 -32.26 3.04
C LEU B 177 -1.95 -32.30 3.60
N PRO B 178 -1.14 -31.34 3.31
CA PRO B 178 0.14 -31.17 4.04
C PRO B 178 -0.11 -31.19 5.56
N ARG B 179 0.61 -32.07 6.23
CA ARG B 179 0.25 -32.58 7.62
C ARG B 179 1.38 -32.62 8.63
N ARG B 180 2.61 -32.26 8.24
CA ARG B 180 3.82 -32.32 9.17
C ARG B 180 4.01 -30.98 9.78
N TRP B 181 3.54 -30.91 11.03
CA TRP B 181 3.52 -29.69 11.81
C TRP B 181 4.95 -29.05 11.93
N GLY B 182 5.03 -27.81 11.59
CA GLY B 182 6.32 -27.14 11.43
C GLY B 182 7.21 -27.54 10.28
N VAL B 183 6.77 -28.34 9.34
CA VAL B 183 7.54 -28.67 8.17
C VAL B 183 6.75 -28.15 6.96
N ASN B 184 5.52 -28.61 6.87
CA ASN B 184 4.67 -28.12 5.74
C ASN B 184 3.27 -27.79 6.14
N ASP B 185 3.08 -27.51 7.46
CA ASP B 185 1.79 -27.12 7.99
C ASP B 185 2.10 -26.21 9.15
N PHE B 186 1.62 -24.97 9.14
CA PHE B 186 2.10 -24.00 10.06
C PHE B 186 0.94 -23.17 10.54
N PRO B 187 0.89 -22.92 11.85
CA PRO B 187 0.03 -21.76 12.27
C PRO B 187 0.70 -20.47 11.90
N VAL B 188 -0.07 -19.39 11.65
CA VAL B 188 0.56 -18.15 11.38
C VAL B 188 -0.32 -17.16 12.04
N VAL B 189 0.00 -16.88 13.28
CA VAL B 189 -0.70 -15.87 14.09
C VAL B 189 -0.06 -14.51 13.86
N LEU B 190 -0.81 -13.56 13.28
CA LEU B 190 -0.35 -12.27 12.85
C LEU B 190 -0.69 -11.32 13.89
N GLN B 191 0.32 -10.63 14.49
CA GLN B 191 0.08 -9.57 15.44
C GLN B 191 1.08 -8.40 15.20
N ASP B 192 0.80 -7.27 15.86
CA ASP B 192 1.72 -6.18 15.70
C ASP B 192 1.94 -5.53 17.02
N ARG B 193 3.22 -5.22 17.39
CA ARG B 193 3.49 -4.70 18.71
C ARG B 193 4.57 -3.60 18.63
N SER B 194 4.49 -2.67 19.56
CA SER B 194 5.56 -1.67 19.82
C SER B 194 6.25 -2.00 21.15
N TYR B 195 7.52 -1.65 21.20
CA TYR B 195 8.40 -1.92 22.36
C TYR B 195 9.11 -0.71 22.84
N HIS B 196 9.42 -0.70 24.13
CA HIS B 196 10.08 0.42 24.81
C HIS B 196 11.17 -0.19 25.75
N ASP B 197 12.44 0.06 25.41
CA ASP B 197 13.58 -0.69 25.95
C ASP B 197 13.23 -2.17 25.95
N ASN B 198 12.80 -2.65 24.81
CA ASN B 198 12.37 -4.01 24.63
C ASN B 198 11.12 -4.53 25.40
N GLN B 199 10.41 -3.67 26.07
CA GLN B 199 9.27 -4.04 26.92
C GLN B 199 7.95 -3.58 26.29
N LEU B 200 6.87 -4.31 26.59
CA LEU B 200 5.49 -3.96 26.16
C LEU B 200 5.01 -2.91 27.09
N ASP B 201 4.28 -1.97 26.63
CA ASP B 201 3.62 -1.05 27.51
C ASP B 201 2.32 -0.55 26.84
N TYR B 202 1.23 -1.26 27.13
CA TYR B 202 0.00 -1.10 26.45
C TYR B 202 -0.49 0.32 26.71
N LYS B 203 -0.37 0.78 27.94
CA LYS B 203 -0.90 2.11 28.24
C LYS B 203 -0.12 3.14 27.45
N ALA B 204 1.11 2.88 27.14
CA ALA B 204 1.81 3.86 26.36
C ALA B 204 1.35 3.86 24.94
N ASP B 205 1.22 2.73 24.33
CA ASP B 205 0.77 2.69 22.89
C ASP B 205 -0.78 2.81 22.62
N TYR B 206 -1.59 2.63 23.66
CA TYR B 206 -3.05 2.56 23.53
C TYR B 206 -3.67 3.59 22.66
N ASP B 207 -4.50 3.18 21.76
CA ASP B 207 -5.46 4.12 21.08
C ASP B 207 -6.93 3.57 21.25
N VAL B 208 -7.84 4.48 21.55
CA VAL B 208 -9.20 4.08 21.79
C VAL B 208 -9.91 3.51 20.54
N ASP B 209 -9.54 3.97 19.36
CA ASP B 209 -9.95 3.44 18.08
C ASP B 209 -9.28 2.16 17.65
N GLY B 210 -8.30 1.64 18.41
CA GLY B 210 -7.61 0.37 18.05
C GLY B 210 -6.08 0.61 18.16
N THR B 211 -5.39 -0.26 18.90
CA THR B 211 -4.04 -0.05 19.20
C THR B 211 -3.26 -0.73 18.11
N LEU B 212 -2.44 0.04 17.41
CA LEU B 212 -1.51 -0.48 16.38
C LEU B 212 -0.07 -0.61 16.91
N GLY B 213 0.68 -1.61 16.50
CA GLY B 213 2.05 -1.72 16.97
C GLY B 213 2.99 -1.55 15.74
N ASP B 214 4.23 -1.21 16.02
CA ASP B 214 5.15 -0.84 14.96
C ASP B 214 5.70 -2.00 14.29
N TYR B 215 5.82 -3.15 14.99
CA TYR B 215 6.47 -4.25 14.37
C TYR B 215 5.55 -5.40 14.15
N ALA B 216 5.87 -6.24 13.14
CA ALA B 216 5.10 -7.47 12.89
C ALA B 216 5.66 -8.59 13.70
N LEU B 217 4.80 -9.21 14.48
CA LEU B 217 5.12 -10.32 15.37
C LEU B 217 4.29 -11.52 14.94
N VAL B 218 4.98 -12.48 14.34
CA VAL B 218 4.35 -13.67 13.85
C VAL B 218 4.68 -14.83 14.69
N ASN B 219 3.67 -15.36 15.37
CA ASN B 219 3.90 -16.50 16.32
C ASN B 219 4.95 -16.09 17.34
N GLY B 220 4.80 -14.88 17.83
CA GLY B 220 5.76 -14.34 18.76
C GLY B 220 7.19 -14.15 18.27
N THR B 221 7.44 -14.11 16.94
CA THR B 221 8.69 -13.93 16.30
C THR B 221 8.72 -12.67 15.40
N VAL B 222 9.76 -11.86 15.51
CA VAL B 222 10.11 -10.76 14.49
C VAL B 222 11.08 -11.34 13.44
N ASN B 223 10.98 -10.75 12.21
CA ASN B 223 11.81 -11.18 11.09
C ASN B 223 11.83 -12.66 10.82
N PRO B 224 10.62 -13.24 10.64
CA PRO B 224 10.59 -14.70 10.54
C PRO B 224 10.94 -15.25 9.22
N VAL B 225 11.49 -16.46 9.29
CA VAL B 225 11.91 -17.18 8.09
C VAL B 225 11.31 -18.55 8.18
N VAL B 226 10.95 -19.14 7.04
CA VAL B 226 10.52 -20.49 6.97
C VAL B 226 11.38 -21.17 5.97
N ASN B 227 11.97 -22.28 6.31
CA ASN B 227 12.63 -23.13 5.27
C ASN B 227 11.64 -24.14 4.63
N VAL B 228 11.48 -24.04 3.32
CA VAL B 228 10.58 -24.83 2.58
C VAL B 228 11.32 -26.09 2.09
N THR B 229 10.98 -27.26 2.65
CA THR B 229 11.58 -28.57 2.26
C THR B 229 10.61 -29.44 1.47
N LYS B 230 9.35 -29.12 1.52
CA LYS B 230 8.36 -29.78 0.72
C LYS B 230 7.58 -28.66 0.11
N PRO B 231 7.21 -28.86 -1.10
CA PRO B 231 6.72 -27.76 -1.91
C PRO B 231 5.31 -27.26 -1.58
N ILE B 232 4.41 -28.11 -1.16
CA ILE B 232 3.08 -27.64 -0.86
C ILE B 232 2.97 -27.45 0.68
N VAL B 233 2.53 -26.26 1.08
CA VAL B 233 2.59 -25.86 2.41
C VAL B 233 1.22 -25.35 2.80
N ARG B 234 0.78 -25.71 4.04
CA ARG B 234 -0.44 -25.14 4.56
C ARG B 234 -0.20 -24.05 5.51
N LEU B 235 -0.93 -22.95 5.42
CA LEU B 235 -0.69 -21.91 6.32
C LEU B 235 -2.03 -21.57 6.87
N ARG B 236 -2.12 -21.59 8.20
CA ARG B 236 -3.33 -21.33 8.89
C ARG B 236 -3.31 -19.91 9.47
N PHE B 237 -3.71 -18.93 8.66
CA PHE B 237 -3.57 -17.59 9.01
C PHE B 237 -4.66 -17.24 10.03
N LEU B 238 -4.27 -16.51 11.06
CA LEU B 238 -5.16 -15.83 11.98
C LEU B 238 -4.72 -14.39 12.18
N ASN B 239 -5.67 -13.47 12.13
CA ASN B 239 -5.42 -12.10 12.48
C ASN B 239 -5.63 -12.01 13.98
N GLY B 240 -4.53 -12.05 14.72
CA GLY B 240 -4.54 -11.90 16.14
C GLY B 240 -4.30 -10.49 16.67
N SER B 241 -4.48 -9.48 15.85
CA SER B 241 -4.12 -8.13 16.24
C SER B 241 -5.22 -7.55 16.97
N ASN B 242 -4.97 -6.43 17.70
CA ASN B 242 -5.98 -5.61 18.30
C ASN B 242 -6.88 -4.82 17.32
N ARG B 243 -6.33 -4.41 16.18
CA ARG B 243 -6.93 -3.47 15.20
C ARG B 243 -6.53 -3.70 13.77
N ARG B 244 -5.24 -3.86 13.57
CA ARG B 244 -4.65 -3.86 12.22
C ARG B 244 -5.24 -4.97 11.31
N GLU B 245 -5.46 -4.58 10.04
CA GLU B 245 -5.82 -5.48 8.98
C GLU B 245 -4.60 -6.01 8.33
N TRP B 246 -4.66 -7.18 7.76
CA TRP B 246 -3.47 -7.70 7.04
C TRP B 246 -3.96 -7.90 5.59
N ARG B 247 -3.17 -7.40 4.65
CA ARG B 247 -3.40 -7.49 3.22
C ARG B 247 -2.31 -8.30 2.61
N LEU B 248 -2.56 -9.63 2.61
CA LEU B 248 -1.54 -10.61 2.39
C LEU B 248 -1.37 -11.05 0.95
N HIS B 249 -0.11 -11.18 0.52
CA HIS B 249 0.19 -11.66 -0.84
C HIS B 249 1.60 -11.91 -0.90
N PHE B 250 2.01 -12.79 -1.78
CA PHE B 250 3.39 -12.88 -2.14
C PHE B 250 3.85 -11.64 -2.90
N ALA B 251 5.10 -11.27 -2.73
CA ALA B 251 5.62 -10.07 -3.38
C ALA B 251 5.41 -10.11 -4.91
N ASP B 252 5.54 -11.28 -5.55
CA ASP B 252 5.23 -11.42 -6.98
C ASP B 252 3.79 -11.88 -7.31
N TYR B 253 2.85 -11.73 -6.36
CA TYR B 253 1.48 -12.16 -6.48
C TYR B 253 1.33 -13.64 -6.95
N HIS B 254 2.25 -14.49 -6.54
CA HIS B 254 2.09 -15.91 -6.78
C HIS B 254 0.75 -16.39 -6.19
N PRO B 255 -0.01 -17.16 -6.96
CA PRO B 255 -1.30 -17.57 -6.51
C PRO B 255 -1.27 -18.56 -5.38
N PHE B 256 -2.33 -18.57 -4.64
CA PHE B 256 -2.55 -19.63 -3.59
C PHE B 256 -4.03 -20.05 -3.49
N THR B 257 -4.33 -21.06 -2.66
CA THR B 257 -5.68 -21.62 -2.63
C THR B 257 -6.17 -21.51 -1.22
N GLN B 258 -7.28 -20.85 -0.97
CA GLN B 258 -7.93 -20.90 0.31
C GLN B 258 -8.82 -22.14 0.35
N ILE B 259 -8.59 -22.96 1.37
CA ILE B 259 -9.36 -24.17 1.62
C ILE B 259 -10.27 -24.05 2.83
N GLY B 260 -10.12 -23.04 3.69
CA GLY B 260 -10.94 -22.91 4.89
C GLY B 260 -11.11 -21.54 5.39
N SER B 261 -12.25 -21.38 6.02
CA SER B 261 -12.66 -20.12 6.70
C SER B 261 -12.71 -20.39 8.23
N ASP B 262 -13.19 -19.41 8.97
CA ASP B 262 -13.25 -19.47 10.42
C ASP B 262 -13.76 -20.81 10.98
N GLY B 263 -14.83 -21.29 10.35
CA GLY B 263 -15.61 -22.39 10.85
C GLY B 263 -15.45 -23.70 10.17
N GLY B 264 -14.58 -23.78 9.20
CA GLY B 264 -14.25 -25.04 8.54
C GLY B 264 -13.77 -24.97 7.09
N LEU B 265 -13.53 -26.13 6.56
CA LEU B 265 -13.31 -26.25 5.19
C LEU B 265 -14.44 -25.60 4.36
N LEU B 266 -14.02 -25.00 3.22
CA LEU B 266 -14.97 -24.37 2.30
C LEU B 266 -15.66 -25.44 1.44
N PRO B 267 -16.80 -25.09 0.89
CA PRO B 267 -17.50 -26.06 -0.09
C PRO B 267 -16.70 -26.38 -1.38
N GLU B 268 -15.94 -25.38 -1.82
CA GLU B 268 -14.98 -25.46 -2.94
C GLU B 268 -13.71 -24.58 -2.59
N ALA B 269 -12.60 -25.12 -2.96
CA ALA B 269 -11.30 -24.44 -2.84
C ALA B 269 -11.40 -23.13 -3.71
N VAL B 270 -10.81 -22.02 -3.29
CA VAL B 270 -10.90 -20.77 -4.04
C VAL B 270 -9.48 -20.27 -4.34
N LYS B 271 -9.10 -20.08 -5.61
CA LYS B 271 -7.77 -19.66 -6.05
C LYS B 271 -7.79 -18.13 -5.94
N MET B 272 -6.70 -17.58 -5.45
CA MET B 272 -6.61 -16.13 -5.29
C MET B 272 -5.09 -15.77 -5.30
N ASP B 273 -4.82 -14.47 -5.50
CA ASP B 273 -3.50 -13.88 -5.43
C ASP B 273 -3.22 -13.00 -4.25
N ARG B 274 -4.27 -12.77 -3.51
CA ARG B 274 -4.18 -11.87 -2.33
C ARG B 274 -5.39 -12.09 -1.43
N ILE B 275 -5.25 -11.87 -0.13
CA ILE B 275 -6.36 -11.94 0.77
C ILE B 275 -6.20 -10.94 1.91
N MET B 276 -7.31 -10.30 2.25
CA MET B 276 -7.37 -9.46 3.38
C MET B 276 -8.11 -10.13 4.57
N LEU B 277 -7.55 -10.02 5.77
CA LEU B 277 -8.20 -10.45 7.06
C LEU B 277 -8.37 -9.33 8.04
N THR B 278 -9.58 -9.14 8.50
CA THR B 278 -9.87 -8.26 9.64
C THR B 278 -9.73 -9.04 10.98
N CYS B 279 -9.80 -8.34 12.12
CA CYS B 279 -9.40 -8.96 13.46
C CYS B 279 -10.28 -10.22 13.67
N ALA B 280 -9.58 -11.36 13.96
CA ALA B 280 -10.15 -12.63 14.45
C ALA B 280 -10.50 -13.53 13.30
N GLU B 281 -10.42 -13.03 12.08
CA GLU B 281 -10.69 -13.89 10.93
C GLU B 281 -9.55 -14.84 10.68
N ARG B 282 -9.88 -16.03 10.19
CA ARG B 282 -8.91 -17.01 9.84
C ARG B 282 -9.03 -17.37 8.35
N ALA B 283 -7.91 -17.80 7.76
CA ALA B 283 -7.92 -18.34 6.45
C ALA B 283 -6.90 -19.41 6.33
N ASP B 284 -7.38 -20.55 5.89
CA ASP B 284 -6.54 -21.73 5.81
C ASP B 284 -6.26 -21.80 4.34
N VAL B 285 -4.99 -21.76 3.96
CA VAL B 285 -4.51 -21.59 2.62
C VAL B 285 -3.50 -22.67 2.33
N LEU B 286 -3.52 -23.15 1.10
CA LEU B 286 -2.38 -23.93 0.53
C LEU B 286 -1.59 -23.15 -0.56
N VAL B 287 -0.27 -23.30 -0.48
CA VAL B 287 0.65 -22.65 -1.44
C VAL B 287 1.51 -23.75 -2.01
N ASN B 288 1.65 -23.72 -3.29
CA ASN B 288 2.57 -24.71 -3.97
C ASN B 288 3.83 -23.92 -4.45
N PHE B 289 4.99 -24.20 -3.90
CA PHE B 289 6.17 -23.46 -4.19
C PHE B 289 6.95 -24.13 -5.30
N SER B 290 6.30 -25.10 -5.97
CA SER B 290 6.99 -25.92 -6.92
C SER B 290 7.59 -25.21 -8.12
N ASP B 291 7.04 -24.06 -8.54
CA ASP B 291 7.54 -23.38 -9.70
C ASP B 291 8.75 -22.50 -9.35
N TYR B 292 9.21 -22.44 -8.10
CA TYR B 292 10.40 -21.71 -7.74
C TYR B 292 11.60 -22.62 -7.81
N GLN B 293 12.80 -22.08 -7.65
CA GLN B 293 14.04 -22.82 -7.89
C GLN B 293 14.72 -22.84 -6.54
N PRO B 294 15.48 -23.91 -6.28
CA PRO B 294 16.10 -24.02 -4.98
C PRO B 294 17.04 -22.89 -4.81
N GLY B 295 17.18 -22.36 -3.62
CA GLY B 295 17.94 -21.14 -3.38
C GLY B 295 17.13 -19.85 -3.49
N GLN B 296 15.97 -19.86 -4.10
CA GLN B 296 15.21 -18.57 -4.16
C GLN B 296 14.64 -18.20 -2.82
N GLU B 297 14.34 -16.94 -2.62
CA GLU B 297 13.68 -16.52 -1.42
C GLU B 297 12.35 -15.97 -1.89
N VAL B 298 11.27 -16.36 -1.26
CA VAL B 298 9.97 -15.82 -1.71
C VAL B 298 9.39 -15.12 -0.54
N ILE B 299 8.98 -13.86 -0.69
CA ILE B 299 8.61 -13.10 0.48
C ILE B 299 7.08 -12.94 0.51
N LEU B 300 6.48 -13.33 1.62
CA LEU B 300 5.10 -13.04 1.90
C LEU B 300 5.06 -11.65 2.45
N GLN B 301 4.21 -10.80 1.91
CA GLN B 301 4.04 -9.49 2.44
C GLN B 301 2.70 -9.17 2.93
N THR B 302 2.60 -8.08 3.71
CA THR B 302 1.37 -7.40 3.95
C THR B 302 1.56 -6.00 3.40
N ASP B 303 0.62 -5.50 2.60
CA ASP B 303 0.81 -4.26 1.80
C ASP B 303 2.20 -4.36 1.11
N ASP B 304 3.09 -3.39 1.24
CA ASP B 304 4.43 -3.52 0.62
C ASP B 304 5.52 -3.90 1.69
N PHE B 305 5.10 -4.39 2.88
CA PHE B 305 5.98 -4.72 3.96
C PHE B 305 6.36 -6.21 3.96
N ASP B 306 7.67 -6.51 4.00
CA ASP B 306 8.15 -7.92 4.10
C ASP B 306 7.81 -8.57 5.44
N LEU B 307 7.04 -9.63 5.36
CA LEU B 307 6.41 -10.29 6.52
C LEU B 307 7.05 -11.64 6.88
N ILE B 308 7.07 -12.59 5.94
CA ILE B 308 7.77 -13.85 6.16
C ILE B 308 8.54 -14.18 4.91
N LYS B 309 9.79 -14.59 5.12
CA LYS B 309 10.63 -15.01 4.08
C LYS B 309 10.58 -16.49 3.99
N PHE B 310 10.28 -17.00 2.78
CA PHE B 310 10.28 -18.42 2.58
C PHE B 310 11.50 -18.78 1.73
N LYS B 311 12.35 -19.59 2.31
CA LYS B 311 13.65 -19.94 1.64
C LYS B 311 13.44 -21.28 1.00
N ILE B 312 13.59 -21.34 -0.32
CA ILE B 312 13.27 -22.55 -1.04
C ILE B 312 14.47 -23.52 -1.01
N GLY B 313 14.23 -24.73 -0.48
CA GLY B 313 15.28 -25.76 -0.38
C GLY B 313 15.21 -26.70 -1.60
N ASP B 314 15.82 -27.86 -1.46
CA ASP B 314 15.88 -28.77 -2.61
C ASP B 314 14.53 -29.44 -2.78
N ILE B 315 13.69 -28.81 -3.54
CA ILE B 315 12.27 -29.10 -3.52
C ILE B 315 11.98 -30.15 -4.59
N LYS B 316 11.21 -31.18 -4.28
CA LYS B 316 10.59 -32.07 -5.33
C LYS B 316 9.31 -31.41 -5.85
N LYS B 317 9.17 -31.16 -7.16
CA LYS B 317 7.92 -30.62 -7.79
C LYS B 317 6.78 -31.44 -7.37
N GLU B 318 5.58 -30.91 -7.34
CA GLU B 318 4.42 -31.68 -6.90
C GLU B 318 3.21 -30.92 -7.38
N ASN B 319 2.13 -31.64 -7.51
CA ASN B 319 0.86 -31.03 -7.87
C ASN B 319 -0.10 -31.08 -6.75
N MET B 320 -0.91 -30.04 -6.70
CA MET B 320 -1.86 -29.84 -5.62
C MET B 320 -3.16 -30.43 -6.11
N LEU B 321 -3.64 -31.54 -5.59
CA LEU B 321 -4.88 -32.07 -6.24
C LEU B 321 -6.27 -31.55 -5.86
N LEU B 322 -6.73 -31.82 -4.67
CA LEU B 322 -8.04 -31.24 -4.12
C LEU B 322 -9.36 -31.60 -4.75
N PRO B 323 -10.29 -32.09 -3.95
CA PRO B 323 -11.53 -32.48 -4.60
C PRO B 323 -12.52 -31.32 -4.71
N SER B 324 -13.55 -31.59 -5.51
CA SER B 324 -14.66 -30.74 -5.71
C SER B 324 -15.94 -31.54 -5.68
N PRO B 325 -16.89 -31.27 -4.81
CA PRO B 325 -16.70 -30.34 -3.73
C PRO B 325 -15.52 -30.73 -2.72
N LEU B 326 -15.06 -29.73 -1.98
CA LEU B 326 -14.04 -29.88 -0.93
C LEU B 326 -14.67 -30.46 0.39
N ALA B 327 -15.89 -30.03 0.65
CA ALA B 327 -16.64 -30.33 1.85
C ALA B 327 -18.13 -30.03 1.57
N GLU B 328 -19.00 -30.71 2.34
CA GLU B 328 -20.45 -30.48 2.27
C GLU B 328 -20.82 -29.56 3.39
N ILE B 329 -21.48 -28.46 3.10
CA ILE B 329 -21.90 -27.53 4.18
C ILE B 329 -23.44 -27.69 4.17
N PRO B 330 -24.07 -28.21 5.25
CA PRO B 330 -25.55 -28.16 5.36
C PRO B 330 -26.15 -26.77 5.17
N ALA B 331 -26.90 -26.51 4.15
CA ALA B 331 -27.53 -25.18 4.10
C ALA B 331 -28.51 -25.12 5.30
N LEU B 332 -28.52 -24.01 5.98
CA LEU B 332 -29.43 -23.83 7.05
C LEU B 332 -30.74 -23.34 6.47
N SER B 333 -31.86 -23.60 7.14
CA SER B 333 -33.11 -23.22 6.53
C SER B 333 -33.85 -22.38 7.53
N VAL B 334 -34.25 -21.24 7.04
CA VAL B 334 -34.90 -20.31 7.89
C VAL B 334 -36.35 -20.63 8.01
N ASP B 335 -36.68 -20.77 9.29
CA ASP B 335 -37.98 -21.10 9.75
C ASP B 335 -38.94 -20.06 9.08
N GLU B 336 -40.06 -20.54 8.58
CA GLU B 336 -40.96 -19.52 8.07
C GLU B 336 -41.42 -18.65 9.26
N ASN B 337 -41.94 -17.45 8.98
CA ASN B 337 -42.55 -16.57 10.06
C ASN B 337 -41.61 -15.78 11.00
N THR B 338 -40.32 -16.08 10.91
CA THR B 338 -39.36 -15.41 11.72
C THR B 338 -39.00 -14.08 11.01
N PRO B 339 -39.09 -12.93 11.72
CA PRO B 339 -38.60 -11.70 11.14
C PRO B 339 -37.03 -11.66 11.07
N VAL B 340 -36.55 -10.59 10.47
CA VAL B 340 -35.15 -10.35 10.42
C VAL B 340 -34.74 -9.60 11.68
N PHE B 341 -33.69 -10.10 12.31
CA PHE B 341 -33.07 -9.43 13.49
C PHE B 341 -31.97 -8.52 12.96
N LYS B 342 -32.09 -7.25 13.34
CA LYS B 342 -31.22 -6.17 12.90
C LYS B 342 -30.31 -5.70 14.02
N THR B 343 -29.03 -5.66 13.76
CA THR B 343 -28.13 -4.97 14.73
C THR B 343 -27.29 -3.99 13.93
N VAL B 344 -27.04 -2.85 14.55
CA VAL B 344 -26.35 -1.74 13.92
C VAL B 344 -25.07 -1.37 14.63
N MET B 345 -23.96 -1.45 13.88
CA MET B 345 -22.70 -0.88 14.40
C MET B 345 -22.55 0.56 14.00
N SER B 346 -22.25 1.41 14.97
CA SER B 346 -22.10 2.81 14.65
C SER B 346 -20.87 3.42 15.34
N GLY B 347 -20.45 4.62 14.87
CA GLY B 347 -19.31 5.36 15.48
C GLY B 347 -17.93 4.75 15.26
N MET B 348 -16.96 5.53 15.77
CA MET B 348 -15.53 5.22 15.78
C MET B 348 -14.96 5.76 17.12
N ASP B 349 -13.71 5.41 17.42
CA ASP B 349 -12.97 5.96 18.63
C ASP B 349 -13.84 5.68 19.86
N ASP B 350 -13.97 6.62 20.80
CA ASP B 350 -14.80 6.41 21.94
C ASP B 350 -16.32 6.56 21.69
N GLN B 351 -16.73 6.86 20.44
CA GLN B 351 -18.19 6.93 20.10
C GLN B 351 -18.83 5.62 19.59
N VAL B 352 -18.09 4.54 19.66
CA VAL B 352 -18.59 3.28 19.08
C VAL B 352 -19.80 2.86 19.89
N ARG B 353 -20.80 2.27 19.18
CA ARG B 353 -22.02 1.74 19.83
C ARG B 353 -22.51 0.58 19.08
N LEU B 354 -23.20 -0.28 19.80
CA LEU B 354 -23.91 -1.35 19.20
C LEU B 354 -25.37 -1.17 19.50
N ASP B 355 -26.19 -0.93 18.46
CA ASP B 355 -27.62 -0.59 18.64
C ASP B 355 -27.81 0.52 19.61
N GLY B 356 -26.93 1.52 19.52
CA GLY B 356 -27.18 2.73 20.40
C GLY B 356 -26.52 2.69 21.75
N LYS B 357 -26.01 1.56 22.13
CA LYS B 357 -25.73 1.23 23.53
C LYS B 357 -24.33 0.76 23.71
N LEU B 358 -23.88 0.93 24.94
CA LEU B 358 -22.69 0.27 25.45
C LEU B 358 -23.08 -0.95 26.27
N PHE B 359 -22.30 -2.00 26.13
CA PHE B 359 -22.40 -3.20 26.98
C PHE B 359 -22.66 -2.98 28.46
N ASP B 360 -23.56 -3.83 28.95
CA ASP B 360 -23.86 -3.91 30.37
C ASP B 360 -23.91 -5.37 30.76
N MET B 361 -23.00 -5.76 31.69
CA MET B 361 -22.81 -7.20 32.06
C MET B 361 -24.10 -7.81 32.53
N GLN B 362 -24.97 -6.96 33.04
CA GLN B 362 -26.20 -7.41 33.66
C GLN B 362 -27.39 -7.33 32.76
N ARG B 363 -27.29 -6.71 31.59
CA ARG B 363 -28.43 -6.60 30.71
C ARG B 363 -28.35 -7.67 29.61
N ILE B 364 -29.41 -8.45 29.39
CA ILE B 364 -29.59 -9.32 28.20
C ILE B 364 -30.21 -8.45 27.11
N ASP B 365 -29.61 -8.36 25.94
CA ASP B 365 -30.11 -7.43 24.95
C ASP B 365 -31.14 -8.08 24.05
N THR B 366 -31.00 -9.37 23.81
CA THR B 366 -31.88 -10.08 22.88
C THR B 366 -31.95 -11.51 23.34
N ARG B 367 -32.90 -12.24 22.76
CA ARG B 367 -33.07 -13.64 23.02
C ARG B 367 -33.51 -14.27 21.72
N GLN B 368 -33.12 -15.51 21.56
CA GLN B 368 -33.48 -16.28 20.39
C GLN B 368 -33.53 -17.77 20.82
N GLN B 369 -34.43 -18.52 20.20
CA GLN B 369 -34.70 -19.89 20.60
C GLN B 369 -33.70 -20.85 20.04
N VAL B 370 -33.28 -21.83 20.85
CA VAL B 370 -32.39 -22.91 20.44
C VAL B 370 -32.89 -23.59 19.20
N ASP B 371 -31.97 -23.98 18.35
CA ASP B 371 -32.29 -24.81 17.20
C ASP B 371 -33.15 -24.12 16.13
N GLN B 372 -33.53 -22.88 16.29
CA GLN B 372 -34.32 -22.15 15.30
C GLN B 372 -33.36 -21.23 14.48
N THR B 373 -33.22 -21.46 13.16
CA THR B 373 -32.43 -20.61 12.29
C THR B 373 -33.06 -19.24 12.11
N GLN B 374 -32.37 -18.17 12.37
CA GLN B 374 -32.89 -16.83 12.11
C GLN B 374 -31.93 -16.00 11.18
N ILE B 375 -32.48 -15.15 10.33
CA ILE B 375 -31.66 -14.20 9.60
C ILE B 375 -31.26 -13.02 10.51
N TRP B 376 -29.94 -12.71 10.58
CA TRP B 376 -29.51 -11.43 11.22
C TRP B 376 -28.95 -10.53 10.11
N GLU B 377 -29.26 -9.25 10.23
CA GLU B 377 -28.91 -8.23 9.30
C GLU B 377 -28.02 -7.29 10.10
N VAL B 378 -26.77 -7.27 9.72
CA VAL B 378 -25.77 -6.46 10.51
C VAL B 378 -25.33 -5.30 9.59
N SER B 379 -25.34 -4.06 10.11
CA SER B 379 -25.09 -2.81 9.45
C SER B 379 -23.90 -2.06 10.05
N ASN B 380 -23.22 -1.29 9.22
CA ASN B 380 -22.19 -0.31 9.70
C ASN B 380 -22.56 1.04 9.13
N THR B 381 -22.95 1.98 9.98
CA THR B 381 -23.38 3.24 9.48
C THR B 381 -22.25 4.23 9.39
N ASN B 382 -21.02 3.87 9.57
CA ASN B 382 -19.92 4.89 9.33
C ASN B 382 -19.97 5.42 7.90
N ASP B 383 -19.38 6.58 7.69
CA ASP B 383 -19.32 7.19 6.33
C ASP B 383 -18.41 6.40 5.46
N MET B 384 -18.75 6.31 4.18
CA MET B 384 -17.84 5.71 3.22
C MET B 384 -16.49 6.52 3.17
N GLU B 385 -16.55 7.84 3.25
CA GLU B 385 -15.37 8.66 3.25
C GLU B 385 -15.12 8.97 4.74
N GLY B 386 -14.16 8.25 5.31
CA GLY B 386 -13.85 8.48 6.71
C GLY B 386 -14.03 7.21 7.56
N GLY B 387 -14.89 6.27 7.18
CA GLY B 387 -15.22 5.20 8.11
C GLY B 387 -14.19 4.12 8.13
N MET B 388 -14.55 3.07 8.84
CA MET B 388 -13.70 1.93 9.08
C MET B 388 -14.49 0.63 8.96
N ILE B 389 -13.78 -0.47 8.70
CA ILE B 389 -14.42 -1.75 8.69
C ILE B 389 -14.42 -2.39 10.13
N HIS B 390 -15.59 -2.69 10.69
CA HIS B 390 -15.71 -3.31 12.00
C HIS B 390 -15.95 -4.82 11.78
N PRO B 391 -15.08 -5.65 12.34
CA PRO B 391 -15.24 -7.07 12.25
C PRO B 391 -16.23 -7.59 13.30
N PHE B 392 -17.35 -8.12 12.86
CA PHE B 392 -18.48 -8.46 13.73
C PHE B 392 -18.40 -9.93 14.03
N HIS B 393 -18.43 -10.23 15.29
CA HIS B 393 -18.28 -11.62 15.76
C HIS B 393 -19.49 -12.06 16.67
N ILE B 394 -19.91 -13.30 16.51
CA ILE B 394 -20.94 -13.85 17.48
C ILE B 394 -20.37 -15.04 18.24
N HIS B 395 -20.46 -15.00 19.55
CA HIS B 395 -20.05 -16.22 20.30
C HIS B 395 -20.97 -17.39 20.18
N GLY B 396 -20.46 -18.61 20.31
CA GLY B 396 -21.29 -19.78 20.44
C GLY B 396 -21.92 -20.33 19.21
N CYS B 397 -21.61 -19.78 18.03
CA CYS B 397 -22.00 -20.48 16.82
C CYS B 397 -21.17 -20.17 15.61
N GLN B 398 -21.37 -20.97 14.58
CA GLN B 398 -20.85 -20.66 13.25
C GLN B 398 -22.07 -20.28 12.46
N PHE B 399 -21.99 -19.26 11.57
CA PHE B 399 -23.08 -18.85 10.75
C PHE B 399 -22.76 -18.88 9.27
N GLN B 400 -23.81 -18.74 8.44
CA GLN B 400 -23.61 -18.73 6.97
C GLN B 400 -24.00 -17.37 6.45
N LEU B 401 -23.31 -16.93 5.42
CA LEU B 401 -23.65 -15.61 4.87
C LEU B 401 -24.71 -15.72 3.77
N ILE B 402 -25.65 -14.77 3.70
CA ILE B 402 -26.68 -14.78 2.61
C ILE B 402 -26.32 -13.72 1.55
N ASP B 403 -26.15 -12.47 1.97
CA ASP B 403 -25.77 -11.44 1.00
C ASP B 403 -25.03 -10.28 1.63
N ARG B 404 -24.28 -9.56 0.80
CA ARG B 404 -23.73 -8.25 1.14
C ARG B 404 -24.35 -7.16 0.25
N ASN B 405 -25.08 -6.19 0.81
CA ASN B 405 -25.71 -5.15 0.11
C ASN B 405 -26.65 -5.64 -0.90
N GLY B 406 -27.23 -6.81 -0.62
CA GLY B 406 -28.10 -7.45 -1.56
C GLY B 406 -27.44 -8.04 -2.74
N HIS B 407 -26.14 -8.10 -2.80
CA HIS B 407 -25.48 -8.75 -3.88
C HIS B 407 -24.79 -9.96 -3.31
N ALA B 408 -24.13 -10.72 -4.17
CA ALA B 408 -23.40 -11.92 -3.76
C ALA B 408 -22.39 -11.68 -2.64
N VAL B 409 -22.18 -12.71 -1.83
CA VAL B 409 -21.17 -12.63 -0.76
C VAL B 409 -19.82 -12.77 -1.39
N ASN B 410 -18.80 -12.51 -0.64
CA ASN B 410 -17.46 -12.70 -1.18
C ASN B 410 -17.20 -14.19 -1.51
N PRO B 411 -16.31 -14.44 -2.43
CA PRO B 411 -16.18 -15.79 -2.90
C PRO B 411 -15.58 -16.80 -1.88
N ASN B 412 -14.89 -16.33 -0.83
CA ASN B 412 -14.49 -17.18 0.26
C ASN B 412 -15.45 -17.21 1.52
N GLU B 413 -16.70 -16.80 1.28
CA GLU B 413 -17.70 -16.60 2.34
C GLU B 413 -18.94 -17.61 2.15
N HIS B 414 -18.72 -18.70 1.41
CA HIS B 414 -19.78 -19.71 1.17
C HIS B 414 -19.80 -20.92 2.16
N GLY B 415 -18.96 -20.89 3.23
CA GLY B 415 -18.96 -21.93 4.23
C GLY B 415 -19.37 -21.30 5.54
N TRP B 416 -18.69 -21.75 6.59
CA TRP B 416 -18.98 -21.33 7.95
C TRP B 416 -18.06 -20.17 8.40
N LYS B 417 -18.65 -19.19 9.05
CA LYS B 417 -17.91 -18.03 9.52
C LYS B 417 -18.40 -17.75 10.91
N ASP B 418 -17.50 -17.14 11.68
CA ASP B 418 -17.85 -16.56 12.91
C ASP B 418 -17.47 -15.11 13.03
N THR B 419 -16.62 -14.57 12.14
CA THR B 419 -16.36 -13.14 12.22
C THR B 419 -16.37 -12.57 10.80
N ILE B 420 -16.82 -11.34 10.68
N ILE B 420 -17.14 -11.52 10.56
CA ILE B 420 -17.23 -10.78 9.40
CA ILE B 420 -17.21 -10.83 9.26
C ILE B 420 -16.90 -9.30 9.34
C ILE B 420 -16.84 -9.36 9.35
N GLY B 421 -16.03 -8.89 8.43
CA GLY B 421 -15.83 -7.50 8.27
C GLY B 421 -17.07 -6.88 7.60
N VAL B 422 -17.57 -5.86 8.23
CA VAL B 422 -18.63 -5.06 7.75
C VAL B 422 -18.13 -3.59 7.37
N ASN B 423 -18.28 -3.29 6.05
CA ASN B 423 -17.84 -2.02 5.44
C ASN B 423 -18.76 -0.86 5.85
N PRO B 424 -18.20 0.32 5.76
CA PRO B 424 -19.06 1.51 6.03
C PRO B 424 -20.24 1.52 5.03
N ASN B 425 -21.41 1.92 5.49
CA ASN B 425 -22.68 1.87 4.71
C ASN B 425 -23.11 0.54 4.12
N GLU B 426 -22.56 -0.56 4.65
CA GLU B 426 -22.94 -1.84 4.17
C GLU B 426 -23.93 -2.48 5.15
N THR B 427 -24.75 -3.38 4.60
CA THR B 427 -25.67 -4.24 5.35
C THR B 427 -25.35 -5.67 4.94
N VAL B 428 -25.03 -6.55 5.90
CA VAL B 428 -24.83 -7.96 5.60
C VAL B 428 -25.91 -8.75 6.27
N ARG B 429 -26.42 -9.72 5.52
CA ARG B 429 -27.32 -10.77 6.05
C ARG B 429 -26.67 -12.08 6.17
N ILE B 430 -26.93 -12.67 7.35
CA ILE B 430 -26.38 -14.01 7.70
C ILE B 430 -27.50 -14.85 8.32
N LYS B 431 -27.35 -16.14 8.22
CA LYS B 431 -28.27 -17.06 8.83
C LYS B 431 -27.58 -17.60 10.12
N VAL B 432 -28.21 -17.43 11.26
CA VAL B 432 -27.69 -17.88 12.58
C VAL B 432 -28.62 -18.91 13.26
N LYS B 433 -28.07 -20.10 13.56
CA LYS B 433 -28.73 -21.12 14.44
C LYS B 433 -27.87 -21.51 15.71
N PHE B 434 -28.31 -21.12 16.90
CA PHE B 434 -27.63 -21.50 18.13
C PHE B 434 -28.06 -22.90 18.58
N THR B 435 -27.11 -23.83 18.69
CA THR B 435 -27.41 -25.19 19.00
C THR B 435 -27.22 -25.43 20.49
N LYS B 436 -26.85 -24.46 21.31
CA LYS B 436 -26.56 -24.68 22.75
C LYS B 436 -27.23 -23.59 23.57
N LEU B 437 -27.69 -23.95 24.75
CA LEU B 437 -28.36 -22.98 25.61
C LEU B 437 -27.32 -22.14 26.31
N GLY B 438 -27.72 -20.96 26.79
CA GLY B 438 -26.88 -20.06 27.51
C GLY B 438 -26.97 -18.59 27.09
N ILE B 439 -26.02 -17.86 27.62
CA ILE B 439 -25.87 -16.46 27.34
C ILE B 439 -24.61 -16.33 26.52
N PHE B 440 -24.74 -15.66 25.38
CA PHE B 440 -23.62 -15.42 24.49
C PHE B 440 -23.42 -13.98 24.05
N MET B 441 -22.20 -13.64 23.73
CA MET B 441 -21.86 -12.27 23.34
C MET B 441 -21.88 -12.12 21.83
N TYR B 442 -22.25 -10.92 21.41
CA TYR B 442 -21.93 -10.52 20.02
C TYR B 442 -21.36 -9.11 20.05
N HIS B 443 -20.33 -8.90 19.22
CA HIS B 443 -19.56 -7.63 19.33
C HIS B 443 -18.62 -7.39 18.20
N CYS B 444 -18.18 -6.16 18.15
CA CYS B 444 -16.97 -5.81 17.29
C CYS B 444 -15.69 -6.41 17.87
N HIS B 445 -14.92 -7.06 17.01
CA HIS B 445 -13.68 -7.68 17.39
C HIS B 445 -12.38 -6.80 17.26
N ILE B 446 -12.57 -5.52 17.02
CA ILE B 446 -11.45 -4.56 17.31
C ILE B 446 -11.41 -4.46 18.84
N LEU B 447 -10.30 -4.90 19.47
CA LEU B 447 -10.42 -5.13 20.95
C LEU B 447 -10.69 -3.88 21.78
N GLU B 448 -10.27 -2.72 21.29
CA GLU B 448 -10.46 -1.53 22.09
C GLU B 448 -11.86 -1.08 21.98
N HIS B 449 -12.51 -1.40 20.86
CA HIS B 449 -13.92 -1.11 20.63
C HIS B 449 -14.76 -2.03 21.58
N GLU B 450 -14.46 -3.30 21.55
CA GLU B 450 -15.03 -4.25 22.50
C GLU B 450 -14.90 -3.72 23.95
N ASP B 451 -13.68 -3.35 24.36
CA ASP B 451 -13.47 -2.90 25.74
C ASP B 451 -14.21 -1.67 25.98
N THR B 452 -14.30 -0.73 25.01
CA THR B 452 -15.16 0.47 25.18
C THR B 452 -16.67 0.14 25.44
N GLY B 453 -17.13 -0.98 24.92
CA GLY B 453 -18.48 -1.42 25.09
C GLY B 453 -19.23 -1.71 23.79
N MET B 454 -18.55 -1.96 22.67
CA MET B 454 -19.32 -2.20 21.41
C MET B 454 -19.65 -3.73 21.32
N MET B 455 -20.51 -4.14 22.29
CA MET B 455 -20.79 -5.53 22.65
C MET B 455 -22.15 -5.63 23.24
N ALA B 456 -22.79 -6.77 22.96
CA ALA B 456 -24.11 -7.05 23.51
C ALA B 456 -24.17 -8.54 23.84
N GLN B 457 -25.27 -8.87 24.52
CA GLN B 457 -25.47 -10.29 24.87
C GLN B 457 -26.86 -10.84 24.59
N ILE B 458 -26.87 -12.11 24.22
CA ILE B 458 -28.11 -12.75 23.70
C ILE B 458 -28.35 -13.99 24.59
N GLU B 459 -29.59 -14.20 24.97
CA GLU B 459 -29.93 -15.45 25.65
C GLU B 459 -30.57 -16.47 24.67
N ILE B 460 -29.96 -17.65 24.67
CA ILE B 460 -30.50 -18.79 23.95
C ILE B 460 -31.37 -19.63 24.92
N PHE B 461 -32.62 -19.94 24.56
CA PHE B 461 -33.60 -20.70 25.43
C PHE B 461 -34.29 -21.88 24.72
N ASP B 462 -34.74 -22.83 25.54
CA ASP B 462 -35.49 -24.02 25.10
C ASP B 462 -36.80 -23.76 25.79
N PRO B 463 -37.91 -23.42 25.06
CA PRO B 463 -39.26 -23.04 25.65
C PRO B 463 -39.77 -23.89 26.86
N ASP B 464 -39.36 -25.16 26.87
CA ASP B 464 -39.65 -26.19 27.92
C ASP B 464 -38.40 -26.85 28.67
N HIS B 465 -37.42 -26.03 29.04
CA HIS B 465 -36.40 -26.31 30.07
C HIS B 465 -36.05 -24.89 30.61
N PRO B 466 -37.06 -23.97 30.78
CA PRO B 466 -36.59 -22.54 30.85
C PRO B 466 -35.63 -22.25 32.02
N ILE B 467 -34.33 -21.98 31.75
CA ILE B 467 -33.34 -21.72 32.88
C ILE B 467 -32.99 -20.27 33.13
N GLU B 468 -32.61 -19.97 34.36
CA GLU B 468 -32.65 -18.60 34.88
C GLU B 468 -31.21 -18.14 35.27
N TYR B 469 -30.76 -16.97 34.79
CA TYR B 469 -29.37 -16.55 35.01
C TYR B 469 -29.26 -15.53 36.21
N HIS B 470 -28.04 -15.24 36.71
CA HIS B 470 -27.84 -14.24 37.82
C HIS B 470 -26.94 -12.99 37.54
N LEU B 471 -25.69 -13.22 37.16
CA LEU B 471 -24.85 -12.25 36.38
C LEU B 471 -23.90 -11.27 37.18
N MET B 472 -24.45 -10.18 37.72
CA MET B 472 -23.62 -9.16 38.42
C MET B 472 -22.32 -8.76 37.68
#